data_3KO2
#
_entry.id   3KO2
#
_cell.length_a   49.031
_cell.length_b   70.006
_cell.length_c   72.258
_cell.angle_alpha   81.660
_cell.angle_beta   70.000
_cell.angle_gamma   89.480
#
_symmetry.space_group_name_H-M   'P 1'
#
loop_
_entity.id
_entity.type
_entity.pdbx_description
1 polymer 'Site-specific DNA endonuclease I-MsoI'
2 polymer "5'-D(*GP*CP*AP*GP*AP*CP*CP*GP*TP*CP*GP*TP*GP*AP*GP*AP*CP*AP*GP*TP*TP*CP*CP*G)-3'"
3 polymer "5'-D(*CP*GP*GP*AP*AP*CP*TP*GP*TP*CP*TP*CP*AP*CP*GP*AP*CP*GP*GP*TP*CP*TP*GP*C)-3'"
4 non-polymer 'CALCIUM ION'
5 water water
#
loop_
_entity_poly.entity_id
_entity_poly.type
_entity_poly.pdbx_seq_one_letter_code
_entity_poly.pdbx_strand_id
1 'polypeptide(L)'
;MTTKNTLQPTEAAYIAGFLDGDGSIYARLIPRPDYKDIKYQVELAISFIQRKDKFPYLQDIYDQLGKRGTLRKDRGDGIA
DYTIWGSTHLSIILPDLVPYLRIKKKQANRILHIINLYPQAQKNPSKFLDLVKIVDDVQNLNKRADELKSTNYDRLLEEF
LKAGKIESSP
;
A,B,F,G
2 'polydeoxyribonucleotide'
;(DG)(DC)(DA)(DG)(DA)(DC)(DC)(DG)(DT)(DC)(DG)(DT)(DG)(DA)(DG)(DA)(DC)(DA)(DG)(DT)
(DT)(DC)(DC)(DG)
;
C,H
3 'polydeoxyribonucleotide'
;(DC)(DG)(DG)(DA)(DA)(DC)(DT)(DG)(DT)(DC)(DT)(DC)(DA)(DC)(DG)(DA)(DC)(DG)(DG)(DT)
(DC)(DT)(DG)(DC)
;
D,I
#
# COMPACT_ATOMS: atom_id res chain seq x y z
N THR A 6 -6.68 -29.24 6.88
CA THR A 6 -5.31 -29.72 7.05
C THR A 6 -4.31 -28.77 6.42
N LEU A 7 -4.80 -27.88 5.56
CA LEU A 7 -3.97 -26.89 4.90
C LEU A 7 -3.68 -25.71 5.82
N GLN A 8 -2.39 -25.45 6.03
CA GLN A 8 -1.97 -24.30 6.81
C GLN A 8 -2.14 -23.01 6.01
N PRO A 9 -2.37 -21.90 6.71
CA PRO A 9 -2.57 -20.59 6.06
C PRO A 9 -1.41 -20.18 5.17
N THR A 10 -0.18 -20.53 5.54
CA THR A 10 0.98 -20.19 4.71
C THR A 10 1.14 -21.15 3.54
N GLU A 11 0.58 -22.35 3.66
CA GLU A 11 0.60 -23.32 2.56
C GLU A 11 -0.42 -22.93 1.49
N ALA A 12 -1.53 -22.37 1.93
CA ALA A 12 -2.55 -21.89 1.01
C ALA A 12 -2.04 -20.67 0.27
N ALA A 13 -1.49 -19.73 1.03
CA ALA A 13 -0.95 -18.48 0.49
C ALA A 13 0.10 -18.74 -0.60
N TYR A 14 0.95 -19.73 -0.37
CA TYR A 14 1.96 -20.11 -1.37
C TYR A 14 1.29 -20.61 -2.65
N ILE A 15 0.28 -21.46 -2.47
CA ILE A 15 -0.41 -22.07 -3.61
C ILE A 15 -1.21 -21.04 -4.38
N ALA A 16 -1.80 -20.09 -3.66
CA ALA A 16 -2.49 -18.99 -4.30
C ALA A 16 -1.48 -18.14 -5.06
N GLY A 17 -0.29 -17.96 -4.48
CA GLY A 17 0.78 -17.24 -5.15
C GLY A 17 1.24 -17.97 -6.39
N PHE A 18 1.45 -19.28 -6.26
CA PHE A 18 1.98 -20.08 -7.36
C PHE A 18 0.93 -20.22 -8.44
N LEU A 19 -0.33 -20.13 -8.04
CA LEU A 19 -1.43 -20.32 -8.97
C LEU A 19 -1.55 -19.06 -9.82
N ASP A 20 -1.44 -17.91 -9.18
CA ASP A 20 -1.48 -16.63 -9.87
C ASP A 20 -0.32 -16.53 -10.86
N GLY A 21 0.78 -17.19 -10.53
CA GLY A 21 1.96 -17.19 -11.38
C GLY A 21 1.82 -18.14 -12.54
N ASP A 22 1.94 -19.44 -12.27
CA ASP A 22 1.96 -20.44 -13.33
C ASP A 22 0.68 -21.26 -13.51
N GLY A 23 -0.40 -20.84 -12.86
CA GLY A 23 -1.64 -21.61 -12.86
C GLY A 23 -2.79 -21.01 -13.65
N SER A 24 -3.95 -21.67 -13.58
CA SER A 24 -5.12 -21.24 -14.35
C SER A 24 -6.44 -21.53 -13.64
N ILE A 25 -7.36 -20.57 -13.69
CA ILE A 25 -8.72 -20.80 -13.20
C ILE A 25 -9.73 -20.51 -14.31
N TYR A 26 -10.33 -21.57 -14.85
CA TYR A 26 -11.19 -21.44 -16.02
C TYR A 26 -12.48 -22.26 -15.96
N ALA A 27 -13.32 -22.07 -16.97
CA ALA A 27 -14.61 -22.76 -17.08
C ALA A 27 -15.03 -22.85 -18.54
N ARG A 28 -15.80 -23.88 -18.89
CA ARG A 28 -16.14 -24.09 -20.28
C ARG A 28 -17.39 -24.96 -20.49
N LEU A 29 -17.92 -24.94 -21.71
CA LEU A 29 -19.07 -25.73 -22.11
C LEU A 29 -18.66 -26.88 -23.04
N ILE A 30 -18.79 -28.12 -22.56
CA ILE A 30 -18.52 -29.29 -23.38
C ILE A 30 -19.79 -29.78 -24.08
N PRO A 31 -19.77 -29.83 -25.41
CA PRO A 31 -20.92 -30.34 -26.16
C PRO A 31 -21.16 -31.84 -25.92
N ARG A 32 -22.33 -32.18 -25.39
CA ARG A 32 -22.64 -33.57 -25.07
C ARG A 32 -23.89 -34.07 -25.80
N PRO A 33 -23.70 -34.73 -26.95
CA PRO A 33 -24.75 -35.22 -27.87
C PRO A 33 -25.75 -36.17 -27.22
N ASP A 34 -25.29 -36.94 -26.23
CA ASP A 34 -26.13 -37.96 -25.62
C ASP A 34 -26.99 -37.42 -24.46
N TYR A 35 -26.75 -36.17 -24.07
CA TYR A 35 -27.55 -35.54 -23.03
C TYR A 35 -28.96 -35.30 -23.56
N LYS A 36 -29.95 -35.35 -22.66
CA LYS A 36 -31.37 -35.29 -23.06
C LYS A 36 -31.90 -33.90 -23.49
N ASP A 37 -32.43 -33.15 -22.54
CA ASP A 37 -32.94 -31.80 -22.81
C ASP A 37 -31.82 -30.79 -23.09
N ILE A 38 -30.98 -30.54 -22.09
CA ILE A 38 -29.80 -29.71 -22.29
C ILE A 38 -28.57 -30.57 -22.57
N LYS A 39 -28.07 -30.44 -23.80
CA LYS A 39 -26.92 -31.21 -24.25
C LYS A 39 -25.58 -30.46 -24.13
N TYR A 40 -25.28 -29.93 -22.94
CA TYR A 40 -23.97 -29.35 -22.64
C TYR A 40 -23.52 -29.72 -21.23
N GLN A 41 -22.23 -29.95 -21.03
CA GLN A 41 -21.71 -30.11 -19.67
C GLN A 41 -20.97 -28.86 -19.34
N VAL A 42 -21.19 -28.34 -18.14
CA VAL A 42 -20.41 -27.23 -17.62
C VAL A 42 -19.21 -27.82 -16.91
N GLU A 43 -18.03 -27.28 -17.18
CA GLU A 43 -16.82 -27.80 -16.54
C GLU A 43 -16.05 -26.70 -15.83
N LEU A 44 -15.68 -26.98 -14.59
CA LEU A 44 -14.99 -26.02 -13.73
C LEU A 44 -13.66 -26.62 -13.30
N ALA A 45 -12.57 -25.92 -13.58
CA ALA A 45 -11.26 -26.46 -13.25
C ALA A 45 -10.24 -25.40 -12.85
N ILE A 46 -9.33 -25.79 -11.97
CA ILE A 46 -8.13 -25.02 -11.73
C ILE A 46 -6.98 -25.91 -12.14
N SER A 47 -5.91 -25.31 -12.67
CA SER A 47 -4.75 -26.07 -13.12
C SER A 47 -3.44 -25.40 -12.70
N PHE A 48 -2.36 -26.17 -12.72
CA PHE A 48 -1.00 -25.65 -12.54
C PHE A 48 -0.14 -26.19 -13.69
N ILE A 49 0.63 -25.31 -14.33
CA ILE A 49 1.46 -25.73 -15.46
C ILE A 49 2.95 -25.47 -15.17
N GLN A 50 3.82 -26.39 -15.59
CA GLN A 50 5.25 -26.30 -15.30
C GLN A 50 6.08 -27.29 -16.15
N ARG A 51 7.30 -26.90 -16.49
CA ARG A 51 8.15 -27.70 -17.37
C ARG A 51 8.48 -29.11 -16.82
N LYS A 52 8.53 -30.07 -17.73
CA LYS A 52 8.64 -31.49 -17.41
C LYS A 52 9.61 -31.84 -16.26
N ASP A 53 10.75 -31.16 -16.20
CA ASP A 53 11.77 -31.52 -15.19
C ASP A 53 11.41 -31.09 -13.78
N LYS A 54 10.42 -30.22 -13.65
CA LYS A 54 10.03 -29.71 -12.34
C LYS A 54 8.73 -30.36 -11.84
N PHE A 55 8.41 -31.53 -12.37
CA PHE A 55 7.21 -32.26 -11.98
C PHE A 55 7.05 -32.44 -10.46
N PRO A 56 8.14 -32.84 -9.77
CA PRO A 56 8.05 -33.11 -8.33
C PRO A 56 7.46 -32.00 -7.47
N TYR A 57 7.52 -30.75 -7.92
CA TYR A 57 6.93 -29.64 -7.18
C TYR A 57 5.41 -29.65 -7.34
N LEU A 58 4.96 -30.07 -8.52
CA LEU A 58 3.54 -30.23 -8.74
C LEU A 58 3.04 -31.26 -7.75
N GLN A 59 3.70 -32.41 -7.70
CA GLN A 59 3.32 -33.50 -6.81
C GLN A 59 3.15 -33.04 -5.37
N ASP A 60 4.11 -32.27 -4.86
CA ASP A 60 4.02 -31.80 -3.48
C ASP A 60 2.70 -31.07 -3.26
N ILE A 61 2.40 -30.11 -4.12
CA ILE A 61 1.10 -29.43 -4.09
C ILE A 61 -0.04 -30.44 -4.09
N TYR A 62 0.07 -31.43 -4.96
CA TYR A 62 -0.95 -32.49 -5.09
C TYR A 62 -1.21 -33.22 -3.77
N ASP A 63 -0.15 -33.59 -3.07
CA ASP A 63 -0.27 -34.26 -1.78
C ASP A 63 -0.73 -33.28 -0.69
N GLN A 64 -0.56 -32.00 -0.97
CA GLN A 64 -0.84 -30.96 0.00
C GLN A 64 -2.32 -30.59 -0.03
N LEU A 65 -2.93 -30.78 -1.20
CA LEU A 65 -4.34 -30.47 -1.40
C LEU A 65 -5.24 -31.67 -1.12
N GLY A 66 -4.65 -32.78 -0.68
CA GLY A 66 -5.40 -33.99 -0.39
C GLY A 66 -5.47 -34.98 -1.55
N LYS A 67 -4.53 -34.88 -2.47
CA LYS A 67 -4.44 -35.84 -3.58
C LYS A 67 -5.63 -35.80 -4.54
N ARG A 68 -6.24 -34.63 -4.65
CA ARG A 68 -7.41 -34.43 -5.52
C ARG A 68 -7.00 -33.95 -6.92
N GLY A 69 -7.56 -34.56 -7.97
CA GLY A 69 -7.29 -34.13 -9.33
C GLY A 69 -6.41 -35.10 -10.09
N THR A 70 -5.76 -34.62 -11.14
CA THR A 70 -4.90 -35.47 -11.97
C THR A 70 -3.53 -34.88 -12.28
N LEU A 71 -2.48 -35.53 -11.77
CA LEU A 71 -1.11 -35.20 -12.16
C LEU A 71 -0.88 -35.69 -13.58
N ARG A 72 0.10 -35.13 -14.26
CA ARG A 72 0.38 -35.50 -15.64
C ARG A 72 1.83 -35.12 -15.92
N LYS A 73 2.67 -36.12 -16.17
CA LYS A 73 4.10 -35.88 -16.33
C LYS A 73 4.46 -35.23 -17.66
N ASP A 74 3.62 -35.45 -18.68
CA ASP A 74 3.90 -34.88 -19.98
C ASP A 74 2.64 -34.80 -20.85
N ARG A 75 2.18 -33.57 -21.07
CA ARG A 75 1.03 -33.34 -21.94
C ARG A 75 1.37 -33.87 -23.32
N GLY A 76 2.67 -34.00 -23.59
CA GLY A 76 3.15 -34.46 -24.88
C GLY A 76 4.07 -33.47 -25.57
N ASP A 77 4.33 -32.32 -24.93
CA ASP A 77 5.22 -31.30 -25.49
C ASP A 77 6.32 -30.90 -24.51
N GLY A 78 6.73 -31.84 -23.67
CA GLY A 78 7.74 -31.59 -22.67
C GLY A 78 7.25 -30.78 -21.49
N ILE A 79 5.93 -30.59 -21.40
CA ILE A 79 5.34 -29.82 -20.30
C ILE A 79 4.51 -30.72 -19.37
N ALA A 80 4.51 -30.40 -18.08
CA ALA A 80 3.71 -31.12 -17.10
C ALA A 80 2.61 -30.23 -16.49
N ASP A 81 1.47 -30.81 -16.18
CA ASP A 81 0.40 -30.05 -15.54
C ASP A 81 -0.32 -30.83 -14.44
N TYR A 82 -1.16 -30.15 -13.68
CA TYR A 82 -1.96 -30.78 -12.65
C TYR A 82 -3.34 -30.13 -12.57
N THR A 83 -4.34 -30.85 -13.06
CA THR A 83 -5.70 -30.32 -13.20
C THR A 83 -6.69 -30.87 -12.15
N ILE A 84 -7.54 -29.98 -11.63
CA ILE A 84 -8.61 -30.37 -10.72
C ILE A 84 -9.99 -30.02 -11.31
N TRP A 85 -10.76 -31.02 -11.70
CA TRP A 85 -12.12 -30.78 -12.18
C TRP A 85 -13.15 -30.95 -11.08
N GLY A 86 -14.38 -30.61 -11.38
CA GLY A 86 -15.51 -30.95 -10.52
C GLY A 86 -15.78 -29.95 -9.42
N SER A 87 -17.06 -29.69 -9.19
CA SER A 87 -17.50 -28.78 -8.16
C SER A 87 -17.30 -29.40 -6.79
N THR A 88 -17.14 -30.72 -6.79
CA THR A 88 -16.98 -31.48 -5.56
C THR A 88 -15.64 -31.14 -4.89
N HIS A 89 -14.57 -31.09 -5.67
CA HIS A 89 -13.26 -30.74 -5.14
C HIS A 89 -13.12 -29.24 -4.92
N LEU A 90 -13.51 -28.45 -5.92
CA LEU A 90 -13.39 -26.99 -5.87
C LEU A 90 -14.21 -26.35 -4.76
N SER A 91 -15.20 -27.06 -4.25
CA SER A 91 -16.03 -26.50 -3.20
C SER A 91 -15.33 -26.65 -1.85
N ILE A 92 -14.23 -27.38 -1.86
CA ILE A 92 -13.43 -27.62 -0.66
C ILE A 92 -12.09 -26.91 -0.72
N ILE A 93 -11.47 -26.94 -1.90
CA ILE A 93 -10.16 -26.33 -2.12
C ILE A 93 -10.27 -24.80 -2.25
N LEU A 94 -11.15 -24.33 -3.14
CA LEU A 94 -11.22 -22.90 -3.43
C LEU A 94 -11.48 -21.98 -2.24
N PRO A 95 -12.39 -22.36 -1.33
CA PRO A 95 -12.58 -21.47 -0.19
C PRO A 95 -11.30 -21.33 0.65
N ASP A 96 -10.38 -22.28 0.54
CA ASP A 96 -9.13 -22.22 1.28
C ASP A 96 -8.09 -21.35 0.56
N LEU A 97 -8.37 -20.98 -0.68
CA LEU A 97 -7.41 -20.22 -1.48
C LEU A 97 -7.88 -18.78 -1.65
N VAL A 98 -9.17 -18.61 -1.88
CA VAL A 98 -9.77 -17.30 -2.15
C VAL A 98 -9.21 -16.16 -1.31
N PRO A 99 -9.07 -16.36 0.02
CA PRO A 99 -8.61 -15.22 0.82
C PRO A 99 -7.16 -14.79 0.56
N TYR A 100 -6.40 -15.61 -0.18
CA TYR A 100 -5.01 -15.26 -0.50
C TYR A 100 -4.81 -14.96 -1.98
N LEU A 101 -5.78 -15.35 -2.80
CA LEU A 101 -5.74 -15.11 -4.24
C LEU A 101 -5.81 -13.62 -4.53
N ARG A 102 -5.06 -13.17 -5.54
CA ARG A 102 -5.01 -11.77 -5.92
C ARG A 102 -5.37 -11.55 -7.37
N ILE A 103 -4.59 -12.14 -8.28
CA ILE A 103 -4.77 -11.93 -9.72
C ILE A 103 -5.95 -12.72 -10.31
N LYS A 104 -6.21 -13.91 -9.79
CA LYS A 104 -7.29 -14.75 -10.30
C LYS A 104 -8.39 -14.95 -9.25
N LYS A 105 -8.46 -14.01 -8.31
CA LYS A 105 -9.46 -14.05 -7.24
C LYS A 105 -10.88 -14.06 -7.83
N LYS A 106 -11.15 -13.07 -8.69
CA LYS A 106 -12.46 -12.94 -9.33
C LYS A 106 -12.92 -14.25 -9.98
N GLN A 107 -12.04 -14.86 -10.77
CA GLN A 107 -12.37 -16.13 -11.41
C GLN A 107 -12.85 -17.15 -10.38
N ALA A 108 -12.20 -17.19 -9.22
CA ALA A 108 -12.55 -18.13 -8.16
C ALA A 108 -13.96 -17.90 -7.67
N ASN A 109 -14.21 -16.66 -7.23
CA ASN A 109 -15.54 -16.28 -6.75
C ASN A 109 -16.62 -16.58 -7.77
N ARG A 110 -16.40 -16.19 -9.03
CA ARG A 110 -17.34 -16.50 -10.11
C ARG A 110 -17.55 -18.00 -10.23
N ILE A 111 -16.48 -18.77 -10.04
CA ILE A 111 -16.61 -20.23 -10.12
C ILE A 111 -17.45 -20.81 -8.97
N LEU A 112 -17.20 -20.36 -7.74
CA LEU A 112 -18.04 -20.72 -6.62
C LEU A 112 -19.50 -20.36 -6.90
N HIS A 113 -19.70 -19.24 -7.59
CA HIS A 113 -21.04 -18.77 -7.92
C HIS A 113 -21.79 -19.82 -8.74
N ILE A 114 -21.19 -20.25 -9.85
CA ILE A 114 -21.77 -21.28 -10.70
C ILE A 114 -22.13 -22.53 -9.92
N ILE A 115 -21.33 -22.86 -8.92
CA ILE A 115 -21.58 -24.05 -8.13
C ILE A 115 -22.90 -23.93 -7.35
N ASN A 116 -23.21 -22.70 -6.91
CA ASN A 116 -24.46 -22.42 -6.19
C ASN A 116 -25.71 -22.48 -7.05
N LEU A 117 -25.55 -22.19 -8.35
CA LEU A 117 -26.68 -22.07 -9.27
C LEU A 117 -26.95 -23.32 -10.11
N TYR A 118 -26.01 -24.26 -10.10
CA TYR A 118 -26.12 -25.42 -10.98
C TYR A 118 -27.27 -26.40 -10.65
N PRO A 119 -27.45 -26.76 -9.37
CA PRO A 119 -28.48 -27.73 -9.03
C PRO A 119 -29.85 -27.40 -9.63
N GLN A 120 -30.14 -26.13 -9.81
CA GLN A 120 -31.40 -25.70 -10.39
C GLN A 120 -31.30 -25.47 -11.91
N ALA A 121 -30.09 -25.14 -12.38
CA ALA A 121 -29.89 -24.85 -13.79
C ALA A 121 -29.76 -26.12 -14.64
N GLN A 122 -29.47 -27.24 -13.98
CA GLN A 122 -29.32 -28.53 -14.65
C GLN A 122 -30.41 -28.78 -15.68
N LYS A 123 -31.66 -28.69 -15.24
CA LYS A 123 -32.77 -29.08 -16.11
C LYS A 123 -33.62 -27.91 -16.58
N ASN A 124 -33.21 -26.70 -16.20
CA ASN A 124 -33.96 -25.50 -16.52
C ASN A 124 -33.22 -24.60 -17.50
N PRO A 125 -33.66 -24.57 -18.78
CA PRO A 125 -32.92 -23.83 -19.81
C PRO A 125 -32.74 -22.34 -19.50
N SER A 126 -33.73 -21.71 -18.89
CA SER A 126 -33.63 -20.29 -18.59
C SER A 126 -32.58 -20.03 -17.51
N LYS A 127 -32.49 -20.92 -16.53
CA LYS A 127 -31.53 -20.76 -15.44
C LYS A 127 -30.13 -21.18 -15.91
N PHE A 128 -30.09 -22.10 -16.86
CA PHE A 128 -28.82 -22.54 -17.40
C PHE A 128 -28.25 -21.39 -18.24
N LEU A 129 -29.13 -20.51 -18.70
CA LEU A 129 -28.68 -19.37 -19.51
C LEU A 129 -28.02 -18.31 -18.64
N ASP A 130 -28.60 -18.04 -17.47
CA ASP A 130 -28.00 -17.11 -16.52
C ASP A 130 -26.63 -17.63 -16.06
N LEU A 131 -26.52 -18.95 -15.95
CA LEU A 131 -25.27 -19.59 -15.58
C LEU A 131 -24.22 -19.38 -16.67
N VAL A 132 -24.60 -19.62 -17.92
CA VAL A 132 -23.65 -19.52 -19.04
C VAL A 132 -23.09 -18.11 -19.21
N LYS A 133 -23.85 -17.10 -18.77
CA LYS A 133 -23.34 -15.73 -18.75
C LYS A 133 -22.08 -15.68 -17.92
N ILE A 134 -22.14 -16.32 -16.75
CA ILE A 134 -21.02 -16.39 -15.82
C ILE A 134 -19.84 -17.15 -16.43
N VAL A 135 -20.13 -18.17 -17.24
CA VAL A 135 -19.11 -18.92 -17.97
C VAL A 135 -18.42 -18.03 -19.01
N ASP A 136 -19.16 -17.06 -19.55
CA ASP A 136 -18.58 -16.08 -20.46
C ASP A 136 -17.74 -15.08 -19.68
N ASP A 137 -18.23 -14.67 -18.51
CA ASP A 137 -17.52 -13.71 -17.68
C ASP A 137 -16.15 -14.23 -17.29
N VAL A 138 -16.11 -15.47 -16.80
CA VAL A 138 -14.84 -16.11 -16.43
C VAL A 138 -13.88 -16.09 -17.62
N GLN A 139 -14.34 -16.56 -18.78
CA GLN A 139 -13.52 -16.61 -19.98
C GLN A 139 -13.04 -15.23 -20.43
N ASN A 140 -13.91 -14.23 -20.29
CA ASN A 140 -13.53 -12.84 -20.62
C ASN A 140 -12.42 -12.36 -19.71
N LEU A 141 -12.51 -12.70 -18.43
CA LEU A 141 -11.54 -12.28 -17.42
C LEU A 141 -10.14 -12.80 -17.75
N ASN A 142 -10.07 -13.93 -18.46
CA ASN A 142 -8.79 -14.50 -18.84
C ASN A 142 -8.34 -14.07 -20.23
N LYS A 143 -8.86 -12.94 -20.69
CA LYS A 143 -8.49 -12.40 -21.99
C LYS A 143 -8.00 -10.95 -21.85
N ARG A 144 -7.32 -10.47 -22.88
CA ARG A 144 -6.93 -9.05 -22.96
C ARG A 144 -8.14 -8.20 -23.33
N ALA A 145 -8.05 -6.90 -23.08
CA ALA A 145 -9.13 -5.98 -23.41
C ALA A 145 -9.43 -5.95 -24.92
N ASP A 146 -8.41 -6.16 -25.73
CA ASP A 146 -8.55 -6.09 -27.18
C ASP A 146 -9.08 -7.38 -27.82
N GLU A 147 -8.98 -8.49 -27.09
CA GLU A 147 -9.44 -9.79 -27.61
C GLU A 147 -10.96 -9.83 -27.77
N LEU A 148 -11.41 -10.70 -28.67
CA LEU A 148 -12.82 -10.98 -28.81
C LEU A 148 -13.37 -11.56 -27.51
N LYS A 149 -14.56 -11.12 -27.11
CA LYS A 149 -15.21 -11.70 -25.94
C LYS A 149 -15.96 -12.97 -26.33
N SER A 150 -15.96 -13.96 -25.43
CA SER A 150 -16.62 -15.24 -25.70
C SER A 150 -18.11 -15.08 -26.02
N THR A 151 -18.66 -16.04 -26.74
CA THR A 151 -20.02 -15.89 -27.26
C THR A 151 -20.95 -17.01 -26.80
N ASN A 152 -20.62 -17.68 -25.73
CA ASN A 152 -21.39 -18.82 -25.32
C ASN A 152 -22.84 -18.55 -24.99
N TYR A 153 -23.18 -17.34 -24.65
CA TYR A 153 -24.56 -17.06 -24.31
C TYR A 153 -25.33 -16.65 -25.50
N ASP A 154 -24.65 -16.02 -26.43
CA ASP A 154 -25.32 -15.53 -27.59
C ASP A 154 -25.73 -16.63 -28.52
N ARG A 155 -24.96 -17.71 -28.55
CA ARG A 155 -25.28 -18.84 -29.39
C ARG A 155 -26.10 -19.91 -28.76
N LEU A 156 -26.21 -19.95 -27.44
CA LEU A 156 -27.00 -20.94 -26.76
C LEU A 156 -28.37 -20.44 -26.56
N LEU A 157 -28.54 -19.14 -26.61
CA LEU A 157 -29.84 -18.51 -26.71
C LEU A 157 -30.39 -18.70 -28.10
N GLU A 158 -29.55 -18.62 -29.11
CA GLU A 158 -29.98 -18.92 -30.48
C GLU A 158 -30.48 -20.35 -30.53
N GLU A 159 -29.65 -21.26 -30.02
CA GLU A 159 -29.99 -22.68 -30.01
C GLU A 159 -31.31 -22.93 -29.30
N PHE A 160 -31.44 -22.39 -28.08
CA PHE A 160 -32.60 -22.65 -27.24
C PHE A 160 -33.93 -22.15 -27.84
N LEU A 161 -33.87 -21.12 -28.68
CA LEU A 161 -35.05 -20.63 -29.38
C LEU A 161 -35.36 -21.52 -30.61
N LYS A 162 -34.34 -21.80 -31.41
CA LYS A 162 -34.44 -22.70 -32.54
C LYS A 162 -35.06 -24.02 -32.12
N ALA A 163 -34.50 -24.62 -31.06
CA ALA A 163 -34.97 -25.90 -30.55
C ALA A 163 -36.28 -25.79 -29.76
N GLY A 164 -36.76 -24.55 -29.62
CA GLY A 164 -38.04 -24.29 -28.97
C GLY A 164 -38.06 -24.57 -27.48
N LYS A 165 -36.88 -24.61 -26.86
CA LYS A 165 -36.76 -24.92 -25.44
C LYS A 165 -37.17 -23.76 -24.54
N ILE A 166 -37.17 -22.55 -25.10
CA ILE A 166 -37.68 -21.37 -24.40
C ILE A 166 -38.21 -20.32 -25.38
N THR B 6 5.18 -4.39 9.09
CA THR B 6 6.16 -5.41 8.68
C THR B 6 5.48 -6.55 7.91
N LEU B 7 6.31 -7.37 7.27
CA LEU B 7 5.86 -8.42 6.35
C LEU B 7 5.24 -9.61 7.09
N GLN B 8 3.95 -9.84 6.88
CA GLN B 8 3.25 -10.93 7.52
C GLN B 8 3.66 -12.28 6.93
N PRO B 9 3.54 -13.36 7.71
CA PRO B 9 3.94 -14.69 7.24
C PRO B 9 3.14 -15.17 6.03
N THR B 10 1.88 -14.76 5.91
CA THR B 10 1.05 -15.15 4.77
C THR B 10 1.30 -14.27 3.55
N GLU B 11 1.79 -13.05 3.79
CA GLU B 11 2.19 -12.15 2.72
C GLU B 11 3.55 -12.58 2.15
N ALA B 12 4.41 -13.11 3.01
CA ALA B 12 5.70 -13.63 2.59
C ALA B 12 5.56 -14.95 1.80
N ALA B 13 4.64 -15.80 2.24
CA ALA B 13 4.38 -17.07 1.56
C ALA B 13 3.76 -16.86 0.16
N TYR B 14 2.89 -15.87 0.05
CA TYR B 14 2.24 -15.59 -1.22
C TYR B 14 3.24 -15.12 -2.26
N ILE B 15 4.14 -14.25 -1.82
CA ILE B 15 5.12 -13.64 -2.71
C ILE B 15 6.16 -14.69 -3.05
N ALA B 16 6.47 -15.53 -2.07
CA ALA B 16 7.37 -16.65 -2.29
C ALA B 16 6.82 -17.52 -3.42
N GLY B 17 5.50 -17.69 -3.44
CA GLY B 17 4.84 -18.56 -4.41
C GLY B 17 4.65 -17.90 -5.76
N PHE B 18 4.42 -16.60 -5.76
CA PHE B 18 4.28 -15.84 -7.00
C PHE B 18 5.62 -15.75 -7.72
N LEU B 19 6.67 -15.62 -6.93
CA LEU B 19 8.02 -15.48 -7.46
C LEU B 19 8.45 -16.78 -8.10
N ASP B 20 8.03 -17.90 -7.52
CA ASP B 20 8.43 -19.20 -8.04
C ASP B 20 7.87 -19.42 -9.43
N GLY B 21 6.84 -18.65 -9.78
CA GLY B 21 6.07 -18.91 -10.98
C GLY B 21 6.30 -17.90 -12.08
N ASP B 22 6.12 -16.62 -11.77
CA ASP B 22 6.33 -15.54 -12.74
C ASP B 22 7.57 -14.69 -12.45
N GLY B 23 8.39 -15.13 -11.50
CA GLY B 23 9.56 -14.40 -11.07
C GLY B 23 10.89 -15.06 -11.39
N SER B 24 11.98 -14.38 -11.04
CA SER B 24 13.31 -14.84 -11.41
C SER B 24 14.35 -14.42 -10.40
N ILE B 25 15.22 -15.36 -10.04
CA ILE B 25 16.34 -15.09 -9.14
C ILE B 25 17.62 -15.45 -9.88
N TYR B 26 18.37 -14.43 -10.30
CA TYR B 26 19.55 -14.64 -11.14
C TYR B 26 20.74 -13.82 -10.68
N ALA B 27 21.86 -13.96 -11.40
CA ALA B 27 23.07 -13.22 -11.10
C ALA B 27 23.97 -13.10 -12.34
N ARG B 28 24.64 -11.97 -12.48
CA ARG B 28 25.47 -11.74 -13.66
C ARG B 28 26.79 -11.00 -13.32
N LEU B 29 27.70 -10.97 -14.29
CA LEU B 29 28.98 -10.28 -14.16
C LEU B 29 29.15 -9.25 -15.28
N ILE B 30 29.02 -7.97 -14.96
CA ILE B 30 29.18 -6.89 -15.95
C ILE B 30 30.61 -6.44 -16.14
N PRO B 31 31.04 -6.30 -17.41
CA PRO B 31 32.38 -5.77 -17.73
C PRO B 31 32.49 -4.27 -17.49
N ARG B 32 33.26 -3.87 -16.49
CA ARG B 32 33.46 -2.46 -16.20
C ARG B 32 34.83 -1.97 -16.70
N PRO B 33 34.84 -1.11 -17.73
CA PRO B 33 36.07 -0.57 -18.32
C PRO B 33 36.86 0.31 -17.34
N ASP B 34 36.18 0.80 -16.31
CA ASP B 34 36.74 1.81 -15.43
C ASP B 34 37.28 1.24 -14.11
N TYR B 35 37.02 -0.04 -13.84
CA TYR B 35 37.51 -0.68 -12.63
C TYR B 35 39.02 -0.84 -12.65
N LYS B 36 39.63 -0.99 -11.48
CA LYS B 36 41.09 -0.97 -11.38
C LYS B 36 41.75 -2.32 -11.66
N ASP B 37 41.59 -3.28 -10.75
CA ASP B 37 42.24 -4.57 -10.87
C ASP B 37 41.26 -5.62 -11.40
N ILE B 38 40.14 -5.75 -10.71
CA ILE B 38 39.08 -6.65 -11.15
C ILE B 38 38.03 -5.85 -11.91
N LYS B 39 38.08 -5.93 -13.24
CA LYS B 39 37.24 -5.09 -14.11
C LYS B 39 35.83 -5.65 -14.35
N TYR B 40 35.12 -5.96 -13.27
CA TYR B 40 33.81 -6.59 -13.36
C TYR B 40 32.93 -6.26 -12.17
N GLN B 41 31.67 -5.93 -12.43
CA GLN B 41 30.67 -5.78 -11.37
C GLN B 41 29.76 -7.00 -11.23
N VAL B 42 29.59 -7.46 -10.00
CA VAL B 42 28.67 -8.55 -9.70
C VAL B 42 27.31 -7.96 -9.43
N GLU B 43 26.31 -8.32 -10.24
CA GLU B 43 24.95 -7.86 -9.97
C GLU B 43 24.00 -9.00 -9.60
N LEU B 44 23.28 -8.78 -8.50
CA LEU B 44 22.40 -9.77 -7.92
C LEU B 44 21.00 -9.18 -7.88
N ALA B 45 20.00 -9.98 -8.25
CA ALA B 45 18.64 -9.46 -8.38
C ALA B 45 17.58 -10.53 -8.26
N ILE B 46 16.38 -10.08 -7.94
CA ILE B 46 15.17 -10.87 -8.06
C ILE B 46 14.15 -9.99 -8.76
N SER B 47 13.35 -10.57 -9.65
CA SER B 47 12.36 -9.77 -10.36
C SER B 47 10.99 -10.43 -10.43
N PHE B 48 9.99 -9.65 -10.82
CA PHE B 48 8.66 -10.15 -11.05
C PHE B 48 8.24 -9.64 -12.42
N ILE B 49 7.87 -10.56 -13.31
CA ILE B 49 7.45 -10.20 -14.66
C ILE B 49 5.94 -10.43 -14.86
N GLN B 50 5.28 -9.51 -15.53
CA GLN B 50 3.83 -9.59 -15.73
C GLN B 50 3.34 -8.64 -16.82
N ARG B 51 2.35 -9.07 -17.60
CA ARG B 51 1.78 -8.25 -18.67
C ARG B 51 1.39 -6.86 -18.16
N LYS B 52 1.51 -5.86 -19.02
CA LYS B 52 1.40 -4.46 -18.58
C LYS B 52 0.03 -4.06 -18.02
N ASP B 53 -1.02 -4.80 -18.36
CA ASP B 53 -2.34 -4.49 -17.82
C ASP B 53 -2.44 -4.81 -16.33
N LYS B 54 -1.82 -5.90 -15.90
CA LYS B 54 -1.88 -6.31 -14.49
C LYS B 54 -0.93 -5.51 -13.60
N PHE B 55 -0.30 -4.48 -14.17
CA PHE B 55 0.70 -3.68 -13.46
C PHE B 55 0.39 -3.40 -11.97
N PRO B 56 -0.86 -3.04 -11.65
CA PRO B 56 -1.18 -2.65 -10.26
C PRO B 56 -0.83 -3.70 -9.22
N TYR B 57 -0.82 -4.96 -9.63
CA TYR B 57 -0.52 -6.08 -8.74
C TYR B 57 0.95 -6.09 -8.35
N LEU B 58 1.79 -5.68 -9.29
CA LEU B 58 3.22 -5.53 -9.02
C LEU B 58 3.48 -4.43 -8.00
N GLN B 59 2.87 -3.27 -8.25
CA GLN B 59 2.94 -2.15 -7.32
C GLN B 59 2.58 -2.57 -5.89
N ASP B 60 1.51 -3.35 -5.73
CA ASP B 60 1.09 -3.84 -4.42
C ASP B 60 2.22 -4.55 -3.69
N ILE B 61 2.81 -5.54 -4.36
CA ILE B 61 3.94 -6.28 -3.79
C ILE B 61 5.03 -5.30 -3.42
N TYR B 62 5.29 -4.36 -4.34
CA TYR B 62 6.29 -3.32 -4.15
C TYR B 62 6.12 -2.64 -2.80
N ASP B 63 4.88 -2.30 -2.48
CA ASP B 63 4.55 -1.66 -1.21
C ASP B 63 4.80 -2.61 -0.04
N GLN B 64 4.44 -3.86 -0.22
CA GLN B 64 4.62 -4.88 0.81
C GLN B 64 6.09 -5.12 1.15
N LEU B 65 6.97 -4.98 0.16
CA LEU B 65 8.40 -5.15 0.37
C LEU B 65 9.10 -3.83 0.74
N GLY B 66 8.33 -2.91 1.32
CA GLY B 66 8.88 -1.63 1.74
C GLY B 66 9.38 -0.75 0.61
N LYS B 67 8.62 -0.68 -0.47
CA LYS B 67 8.93 0.21 -1.60
C LYS B 67 10.35 0.05 -2.12
N ARG B 68 11.00 -1.06 -1.81
CA ARG B 68 12.35 -1.31 -2.27
C ARG B 68 12.42 -1.70 -3.74
N GLY B 69 13.44 -1.20 -4.43
CA GLY B 69 13.65 -1.53 -5.83
C GLY B 69 13.03 -0.51 -6.75
N THR B 70 12.95 -0.83 -8.04
CA THR B 70 12.35 0.07 -9.01
C THR B 70 11.34 -0.62 -9.92
N LEU B 71 10.14 -0.04 -9.98
CA LEU B 71 9.06 -0.50 -10.86
C LEU B 71 9.22 0.00 -12.30
N ARG B 72 8.63 -0.71 -13.25
CA ARG B 72 8.67 -0.30 -14.65
C ARG B 72 7.36 -0.69 -15.36
N LYS B 73 6.58 0.31 -15.74
CA LYS B 73 5.29 0.11 -16.36
C LYS B 73 5.39 -0.62 -17.70
N ASP B 74 6.51 -0.45 -18.39
CA ASP B 74 6.67 -1.05 -19.71
C ASP B 74 8.13 -1.17 -20.18
N ARG B 75 8.61 -2.41 -20.28
CA ARG B 75 9.95 -2.66 -20.78
C ARG B 75 10.12 -2.06 -22.18
N GLY B 76 9.04 -2.11 -22.96
CA GLY B 76 9.06 -1.67 -24.34
C GLY B 76 8.53 -2.76 -25.25
N ASP B 77 7.83 -3.73 -24.67
CA ASP B 77 7.14 -4.76 -25.43
C ASP B 77 5.81 -5.12 -24.76
N GLY B 78 5.25 -4.14 -24.06
CA GLY B 78 3.97 -4.32 -23.39
C GLY B 78 4.04 -5.17 -22.13
N ILE B 79 5.25 -5.48 -21.69
CA ILE B 79 5.43 -6.23 -20.46
C ILE B 79 5.93 -5.30 -19.36
N ALA B 80 5.48 -5.53 -18.12
CA ALA B 80 5.96 -4.77 -16.97
C ALA B 80 6.84 -5.65 -16.08
N ASP B 81 7.82 -5.02 -15.42
CA ASP B 81 8.64 -5.75 -14.45
C ASP B 81 8.88 -4.94 -13.18
N TYR B 82 9.31 -5.63 -12.13
CA TYR B 82 9.64 -5.02 -10.86
C TYR B 82 10.94 -5.64 -10.39
N THR B 83 12.02 -4.86 -10.41
CA THR B 83 13.37 -5.41 -10.18
C THR B 83 14.01 -4.88 -8.90
N ILE B 84 14.63 -5.79 -8.15
CA ILE B 84 15.31 -5.48 -6.90
C ILE B 84 16.75 -5.99 -6.93
N TRP B 85 17.69 -5.10 -7.23
CA TRP B 85 19.10 -5.46 -7.22
C TRP B 85 19.82 -4.84 -6.03
N GLY B 86 20.97 -5.42 -5.67
CA GLY B 86 21.76 -4.89 -4.58
C GLY B 86 21.64 -5.75 -3.34
N SER B 87 22.79 -6.00 -2.71
CA SER B 87 22.86 -6.88 -1.55
C SER B 87 22.19 -6.26 -0.34
N THR B 88 22.12 -4.94 -0.31
CA THR B 88 21.46 -4.24 0.79
C THR B 88 20.01 -4.71 0.90
N HIS B 89 19.26 -4.58 -0.20
CA HIS B 89 17.86 -4.97 -0.20
C HIS B 89 17.71 -6.49 -0.14
N LEU B 90 18.55 -7.20 -0.88
CA LEU B 90 18.49 -8.67 -0.89
C LEU B 90 18.90 -9.36 0.42
N SER B 91 19.54 -8.62 1.33
CA SER B 91 19.93 -9.20 2.62
C SER B 91 18.83 -9.03 3.66
N ILE B 92 17.82 -8.24 3.31
CA ILE B 92 16.71 -7.98 4.21
C ILE B 92 15.44 -8.68 3.71
N ILE B 93 15.23 -8.62 2.39
CA ILE B 93 14.08 -9.27 1.76
C ILE B 93 14.21 -10.79 1.74
N LEU B 94 15.20 -11.30 1.03
CA LEU B 94 15.36 -12.75 0.85
C LEU B 94 15.04 -13.60 2.08
N PRO B 95 15.74 -13.40 3.21
CA PRO B 95 15.52 -14.24 4.40
C PRO B 95 14.06 -14.28 4.86
N ASP B 96 13.24 -13.34 4.41
CA ASP B 96 11.82 -13.36 4.72
C ASP B 96 11.06 -14.29 3.79
N LEU B 97 11.71 -14.73 2.71
CA LEU B 97 11.07 -15.52 1.67
C LEU B 97 11.59 -16.95 1.59
N VAL B 98 12.89 -17.11 1.80
CA VAL B 98 13.54 -18.42 1.70
C VAL B 98 12.74 -19.54 2.36
N PRO B 99 12.22 -19.30 3.58
CA PRO B 99 11.50 -20.38 4.26
C PRO B 99 10.29 -20.88 3.47
N TYR B 100 9.74 -20.02 2.60
CA TYR B 100 8.53 -20.36 1.86
C TYR B 100 8.79 -20.70 0.40
N LEU B 101 9.93 -20.23 -0.12
CA LEU B 101 10.34 -20.55 -1.49
C LEU B 101 10.50 -22.05 -1.66
N ARG B 102 10.21 -22.52 -2.87
CA ARG B 102 10.37 -23.93 -3.21
C ARG B 102 11.25 -24.14 -4.43
N ILE B 103 10.74 -23.72 -5.59
CA ILE B 103 11.45 -23.97 -6.86
C ILE B 103 12.77 -23.19 -6.94
N LYS B 104 12.77 -21.95 -6.46
CA LYS B 104 13.95 -21.10 -6.55
C LYS B 104 14.61 -20.87 -5.18
N LYS B 105 14.42 -21.81 -4.26
CA LYS B 105 15.06 -21.74 -2.94
C LYS B 105 16.58 -21.83 -3.06
N LYS B 106 17.04 -22.82 -3.81
CA LYS B 106 18.48 -22.96 -4.01
C LYS B 106 19.11 -21.67 -4.50
N GLN B 107 18.54 -21.10 -5.56
CA GLN B 107 19.00 -19.82 -6.10
C GLN B 107 19.18 -18.83 -4.97
N ALA B 108 18.08 -18.56 -4.27
CA ALA B 108 18.06 -17.59 -3.16
C ALA B 108 19.21 -17.77 -2.15
N ASN B 109 19.49 -19.03 -1.79
CA ASN B 109 20.54 -19.32 -0.83
C ASN B 109 21.97 -19.10 -1.38
N ARG B 110 22.17 -19.30 -2.68
CA ARG B 110 23.44 -19.01 -3.32
C ARG B 110 23.70 -17.48 -3.34
N ILE B 111 22.67 -16.71 -3.66
CA ILE B 111 22.77 -15.26 -3.63
C ILE B 111 23.23 -14.79 -2.25
N LEU B 112 22.43 -15.11 -1.23
CA LEU B 112 22.82 -14.88 0.16
C LEU B 112 24.26 -15.28 0.46
N HIS B 113 24.72 -16.36 -0.13
CA HIS B 113 26.06 -16.86 0.12
C HIS B 113 27.09 -15.96 -0.56
N ILE B 114 26.79 -15.56 -1.79
CA ILE B 114 27.61 -14.60 -2.53
C ILE B 114 27.74 -13.28 -1.77
N ILE B 115 26.68 -12.87 -1.08
CA ILE B 115 26.72 -11.60 -0.34
C ILE B 115 27.73 -11.57 0.81
N ASN B 116 27.83 -12.67 1.57
CA ASN B 116 28.68 -12.70 2.75
C ASN B 116 30.16 -12.98 2.44
N LEU B 117 30.44 -13.37 1.21
CA LEU B 117 31.80 -13.66 0.79
C LEU B 117 32.37 -12.49 0.00
N TYR B 118 31.52 -11.51 -0.32
CA TYR B 118 31.91 -10.46 -1.26
C TYR B 118 32.88 -9.40 -0.72
N PRO B 119 32.68 -8.96 0.53
CA PRO B 119 33.56 -7.92 1.08
C PRO B 119 35.04 -8.29 1.06
N GLN B 120 35.35 -9.58 1.12
CA GLN B 120 36.74 -10.04 1.13
C GLN B 120 37.20 -10.44 -0.27
N ALA B 121 36.27 -10.51 -1.22
CA ALA B 121 36.58 -11.00 -2.55
C ALA B 121 36.73 -9.88 -3.56
N GLN B 122 36.32 -8.68 -3.17
CA GLN B 122 36.28 -7.57 -4.12
C GLN B 122 37.64 -6.98 -4.50
N LYS B 123 38.64 -7.17 -3.66
CA LYS B 123 39.98 -6.73 -3.99
C LYS B 123 41.01 -7.87 -3.92
N ASN B 124 40.54 -9.09 -4.18
CA ASN B 124 41.38 -10.27 -4.06
C ASN B 124 41.03 -11.30 -5.11
N PRO B 125 41.79 -11.33 -6.22
CA PRO B 125 41.48 -12.22 -7.34
C PRO B 125 41.20 -13.69 -6.97
N SER B 126 41.99 -14.28 -6.09
CA SER B 126 41.80 -15.69 -5.72
C SER B 126 40.44 -15.97 -5.09
N LYS B 127 39.96 -15.03 -4.29
CA LYS B 127 38.67 -15.18 -3.64
C LYS B 127 37.53 -14.80 -4.58
N PHE B 128 37.73 -13.75 -5.36
CA PHE B 128 36.74 -13.36 -6.36
C PHE B 128 36.43 -14.52 -7.29
N LEU B 129 37.44 -15.35 -7.57
CA LEU B 129 37.27 -16.51 -8.44
C LEU B 129 36.34 -17.56 -7.83
N ASP B 130 36.47 -17.77 -6.51
CA ASP B 130 35.61 -18.71 -5.81
C ASP B 130 34.18 -18.17 -5.77
N LEU B 131 34.05 -16.85 -5.67
CA LEU B 131 32.76 -16.20 -5.72
C LEU B 131 32.13 -16.42 -7.10
N VAL B 132 32.90 -16.15 -8.15
CA VAL B 132 32.41 -16.31 -9.51
C VAL B 132 31.98 -17.75 -9.84
N LYS B 133 32.53 -18.72 -9.11
CA LYS B 133 32.16 -20.12 -9.31
C LYS B 133 30.70 -20.35 -8.87
N ILE B 134 30.33 -19.70 -7.78
CA ILE B 134 28.95 -19.69 -7.31
C ILE B 134 28.05 -18.95 -8.29
N VAL B 135 28.56 -17.88 -8.89
CA VAL B 135 27.78 -17.15 -9.90
C VAL B 135 27.35 -18.13 -11.01
N ASP B 136 28.28 -19.00 -11.39
CA ASP B 136 28.04 -20.01 -12.41
C ASP B 136 26.98 -21.03 -12.00
N ASP B 137 26.86 -21.29 -10.70
CA ASP B 137 25.87 -22.24 -10.19
C ASP B 137 24.46 -21.65 -10.25
N VAL B 138 24.32 -20.41 -9.79
CA VAL B 138 23.04 -19.71 -9.88
C VAL B 138 22.54 -19.74 -11.32
N GLN B 139 23.43 -19.46 -12.26
CA GLN B 139 23.06 -19.39 -13.68
C GLN B 139 22.69 -20.75 -14.26
N ASN B 140 23.41 -21.79 -13.84
CA ASN B 140 23.14 -23.13 -14.33
C ASN B 140 21.82 -23.64 -13.78
N LEU B 141 21.56 -23.32 -12.51
CA LEU B 141 20.30 -23.70 -11.87
C LEU B 141 19.11 -23.18 -12.66
N ASN B 142 19.34 -22.14 -13.45
CA ASN B 142 18.28 -21.54 -14.25
C ASN B 142 18.32 -21.97 -15.71
N LYS B 143 18.88 -23.14 -15.96
CA LYS B 143 19.02 -23.65 -17.31
C LYS B 143 18.49 -25.08 -17.39
N ARG B 144 18.12 -25.51 -18.59
CA ARG B 144 17.75 -26.90 -18.82
C ARG B 144 19.01 -27.76 -18.71
N ALA B 145 18.83 -29.06 -18.57
CA ALA B 145 19.96 -29.97 -18.50
C ALA B 145 20.67 -30.07 -19.85
N ASP B 146 19.94 -29.79 -20.93
CA ASP B 146 20.50 -29.90 -22.28
C ASP B 146 21.17 -28.62 -22.79
N GLU B 147 21.03 -27.53 -22.03
CA GLU B 147 21.62 -26.26 -22.41
C GLU B 147 23.10 -26.17 -22.04
N LEU B 148 23.84 -25.31 -22.74
CA LEU B 148 25.26 -25.10 -22.44
C LEU B 148 25.40 -24.44 -21.07
N LYS B 149 26.19 -25.05 -20.20
CA LYS B 149 26.46 -24.46 -18.88
C LYS B 149 27.25 -23.16 -19.00
N SER B 150 27.05 -22.26 -18.03
CA SER B 150 27.78 -21.00 -18.01
C SER B 150 29.27 -21.25 -17.80
N THR B 151 30.10 -20.34 -18.29
CA THR B 151 31.55 -20.50 -18.18
C THR B 151 32.22 -19.19 -17.73
N ASN B 152 31.83 -18.71 -16.57
CA ASN B 152 32.40 -17.47 -16.02
C ASN B 152 33.74 -17.73 -15.34
N TYR B 153 33.80 -18.80 -14.56
CA TYR B 153 35.01 -19.17 -13.84
C TYR B 153 36.18 -19.46 -14.78
N ASP B 154 35.94 -20.31 -15.77
CA ASP B 154 36.99 -20.73 -16.68
C ASP B 154 37.56 -19.56 -17.48
N ARG B 155 36.69 -18.63 -17.85
CA ARG B 155 37.13 -17.47 -18.63
C ARG B 155 37.85 -16.44 -17.77
N LEU B 156 37.49 -16.36 -16.50
CA LEU B 156 38.17 -15.45 -15.59
C LEU B 156 39.50 -16.03 -15.09
N LEU B 157 39.59 -17.36 -15.04
CA LEU B 157 40.81 -18.03 -14.61
C LEU B 157 41.94 -17.79 -15.60
N GLU B 158 41.62 -17.89 -16.90
CA GLU B 158 42.63 -17.71 -17.93
C GLU B 158 42.92 -16.23 -18.14
N GLU B 159 42.00 -15.37 -17.70
CA GLU B 159 42.21 -13.93 -17.77
C GLU B 159 43.02 -13.43 -16.57
N PHE B 160 42.86 -14.08 -15.42
CA PHE B 160 43.59 -13.70 -14.22
C PHE B 160 45.03 -14.20 -14.28
N LEU B 161 45.25 -15.34 -14.93
CA LEU B 161 46.60 -15.89 -15.10
C LEU B 161 47.38 -15.08 -16.14
N LYS B 162 46.75 -14.89 -17.29
CA LYS B 162 47.30 -14.11 -18.40
C LYS B 162 47.72 -12.72 -17.94
N ALA B 163 47.03 -12.19 -16.93
CA ALA B 163 47.29 -10.85 -16.41
C ALA B 163 48.29 -10.86 -15.25
N GLY B 164 48.71 -12.05 -14.85
CA GLY B 164 49.63 -12.21 -13.73
C GLY B 164 49.01 -11.78 -12.41
N LYS B 165 47.68 -11.84 -12.32
CA LYS B 165 47.00 -11.49 -11.08
C LYS B 165 46.89 -12.71 -10.16
N ILE B 166 47.11 -13.89 -10.73
CA ILE B 166 47.16 -15.12 -9.94
C ILE B 166 47.91 -16.23 -10.69
N THR E 6 -16.53 11.90 29.93
CA THR E 6 -15.26 11.31 30.37
C THR E 6 -14.11 11.88 29.56
N LEU E 7 -14.41 12.93 28.80
CA LEU E 7 -13.37 13.62 28.04
C LEU E 7 -12.91 14.91 28.73
N GLN E 8 -11.60 15.05 28.87
CA GLN E 8 -11.00 16.24 29.48
C GLN E 8 -11.05 17.42 28.51
N PRO E 9 -11.02 18.65 29.05
CA PRO E 9 -11.00 19.86 28.22
C PRO E 9 -9.79 19.92 27.28
N THR E 10 -8.63 19.47 27.73
CA THR E 10 -7.45 19.42 26.86
C THR E 10 -7.49 18.20 25.93
N GLU E 11 -8.26 17.19 26.32
CA GLU E 11 -8.39 15.97 25.53
C GLU E 11 -9.28 16.21 24.32
N ALA E 12 -10.29 17.04 24.49
CA ALA E 12 -11.19 17.42 23.41
C ALA E 12 -10.55 18.50 22.55
N ALA E 13 -9.74 19.34 23.17
CA ALA E 13 -9.00 20.40 22.47
C ALA E 13 -8.02 19.83 21.46
N TYR E 14 -7.35 18.75 21.84
CA TYR E 14 -6.41 18.10 20.94
C TYR E 14 -7.16 17.47 19.77
N ILE E 15 -8.18 16.67 20.09
CA ILE E 15 -8.91 15.93 19.06
C ILE E 15 -9.54 16.86 18.05
N ALA E 16 -10.01 18.01 18.52
CA ALA E 16 -10.53 19.04 17.63
C ALA E 16 -9.44 19.58 16.71
N GLY E 17 -8.26 19.86 17.28
CA GLY E 17 -7.14 20.36 16.51
C GLY E 17 -6.59 19.33 15.55
N PHE E 18 -6.73 18.06 15.91
CA PHE E 18 -6.24 16.98 15.05
C PHE E 18 -7.25 16.73 13.95
N LEU E 19 -8.52 16.81 14.32
CA LEU E 19 -9.62 16.60 13.39
C LEU E 19 -9.60 17.67 12.31
N ASP E 20 -9.31 18.91 12.70
CA ASP E 20 -9.20 19.99 11.74
C ASP E 20 -8.08 19.74 10.74
N GLY E 21 -7.01 19.10 11.22
CA GLY E 21 -5.80 18.92 10.42
C GLY E 21 -5.81 17.74 9.46
N ASP E 22 -6.01 16.54 10.01
CA ASP E 22 -5.96 15.32 9.21
C ASP E 22 -7.32 14.62 9.17
N GLY E 23 -8.36 15.30 9.63
CA GLY E 23 -9.68 14.72 9.70
C GLY E 23 -10.66 15.30 8.69
N SER E 24 -11.90 14.83 8.73
CA SER E 24 -12.91 15.29 7.80
C SER E 24 -14.32 15.19 8.40
N ILE E 25 -15.12 16.24 8.21
CA ILE E 25 -16.52 16.26 8.66
C ILE E 25 -17.43 16.45 7.45
N TYR E 26 -18.23 15.43 7.15
CA TYR E 26 -19.01 15.42 5.91
C TYR E 26 -20.40 14.83 6.05
N ALA E 27 -21.25 15.09 5.06
CA ALA E 27 -22.56 14.45 4.95
C ALA E 27 -22.79 14.12 3.49
N ARG E 28 -23.64 13.13 3.21
CA ARG E 28 -23.93 12.73 1.83
C ARG E 28 -25.26 11.99 1.72
N LEU E 29 -25.71 11.76 0.49
CA LEU E 29 -26.94 11.02 0.26
C LEU E 29 -26.63 9.62 -0.29
N ILE E 30 -26.97 8.59 0.48
CA ILE E 30 -26.78 7.21 0.05
C ILE E 30 -28.04 6.71 -0.63
N PRO E 31 -27.92 6.23 -1.88
CA PRO E 31 -29.07 5.67 -2.59
C PRO E 31 -29.44 4.27 -2.09
N ARG E 32 -30.71 4.09 -1.72
CA ARG E 32 -31.18 2.80 -1.22
C ARG E 32 -32.45 2.38 -1.98
N PRO E 33 -32.30 1.44 -2.93
CA PRO E 33 -33.33 0.99 -3.85
C PRO E 33 -34.56 0.39 -3.16
N ASP E 34 -34.37 -0.20 -1.99
CA ASP E 34 -35.44 -0.94 -1.34
C ASP E 34 -36.26 -0.13 -0.32
N TYR E 35 -36.11 1.20 -0.32
CA TYR E 35 -36.80 2.05 0.64
C TYR E 35 -38.28 2.25 0.34
N LYS E 36 -39.03 2.73 1.33
CA LYS E 36 -40.49 2.88 1.21
C LYS E 36 -40.96 3.99 0.25
N ASP E 37 -40.76 5.23 0.67
CA ASP E 37 -41.23 6.42 -0.05
C ASP E 37 -40.00 7.11 -0.63
N ILE E 38 -39.15 7.65 0.26
CA ILE E 38 -37.93 8.33 -0.15
C ILE E 38 -36.74 7.38 -0.12
N LYS E 39 -36.24 7.05 -1.31
CA LYS E 39 -35.17 6.06 -1.49
C LYS E 39 -33.78 6.65 -1.28
N TYR E 40 -33.60 7.36 -0.18
CA TYR E 40 -32.31 7.93 0.18
C TYR E 40 -32.14 7.99 1.69
N GLN E 41 -30.92 7.83 2.16
CA GLN E 41 -30.60 8.01 3.57
C GLN E 41 -29.51 9.05 3.72
N VAL E 42 -29.74 10.01 4.60
CA VAL E 42 -28.73 11.02 4.88
C VAL E 42 -27.63 10.42 5.77
N GLU E 43 -26.41 10.36 5.25
CA GLU E 43 -25.28 9.82 6.00
C GLU E 43 -24.44 10.92 6.64
N LEU E 44 -24.16 10.81 7.94
CA LEU E 44 -23.39 11.83 8.65
C LEU E 44 -22.18 11.21 9.35
N ALA E 45 -20.99 11.78 9.16
CA ALA E 45 -19.79 11.17 9.73
C ALA E 45 -18.58 12.09 9.91
N ILE E 46 -17.75 11.75 10.88
CA ILE E 46 -16.42 12.34 11.01
C ILE E 46 -15.40 11.22 10.93
N SER E 47 -14.31 11.46 10.19
CA SER E 47 -13.25 10.49 10.03
C SER E 47 -11.91 11.06 10.46
N PHE E 48 -10.96 10.18 10.76
CA PHE E 48 -9.57 10.57 10.94
C PHE E 48 -8.75 9.78 9.93
N ILE E 49 -7.85 10.43 9.22
CA ILE E 49 -7.02 9.76 8.23
C ILE E 49 -5.54 9.93 8.58
N GLN E 50 -4.79 8.83 8.52
CA GLN E 50 -3.35 8.85 8.83
C GLN E 50 -2.64 7.71 8.10
N ARG E 51 -1.32 7.84 7.93
CA ARG E 51 -0.55 6.82 7.24
C ARG E 51 -0.52 5.51 8.03
N LYS E 52 -0.67 4.40 7.31
CA LYS E 52 -0.86 3.09 7.90
C LYS E 52 0.01 2.78 9.12
N ASP E 53 1.24 3.29 9.15
CA ASP E 53 2.18 2.98 10.23
C ASP E 53 1.89 3.73 11.52
N LYS E 54 1.16 4.84 11.42
CA LYS E 54 0.82 5.61 12.61
C LYS E 54 -0.54 5.23 13.20
N PHE E 55 -0.97 4.00 12.91
CA PHE E 55 -2.25 3.47 13.38
C PHE E 55 -2.47 3.55 14.89
N PRO E 56 -1.46 3.15 15.70
CA PRO E 56 -1.64 3.15 17.15
C PRO E 56 -2.25 4.44 17.67
N TYR E 57 -1.79 5.57 17.12
CA TYR E 57 -2.31 6.88 17.50
C TYR E 57 -3.80 7.01 17.22
N LEU E 58 -4.26 6.36 16.17
CA LEU E 58 -5.69 6.36 15.83
C LEU E 58 -6.50 5.50 16.81
N GLN E 59 -5.87 4.48 17.36
CA GLN E 59 -6.54 3.66 18.36
C GLN E 59 -6.68 4.40 19.68
N ASP E 60 -5.76 5.34 19.93
CA ASP E 60 -5.78 6.14 21.15
C ASP E 60 -6.99 7.06 21.20
N ILE E 61 -7.35 7.64 20.06
CA ILE E 61 -8.54 8.48 19.95
C ILE E 61 -9.80 7.62 20.07
N TYR E 62 -9.76 6.44 19.47
CA TYR E 62 -10.87 5.50 19.51
C TYR E 62 -11.33 5.23 20.94
N ASP E 63 -10.37 4.85 21.79
CA ASP E 63 -10.66 4.55 23.19
C ASP E 63 -11.11 5.79 23.95
N GLN E 64 -10.44 6.91 23.68
CA GLN E 64 -10.73 8.17 24.37
C GLN E 64 -12.14 8.68 24.13
N LEU E 65 -12.73 8.30 23.00
CA LEU E 65 -14.07 8.76 22.65
C LEU E 65 -15.15 7.83 23.19
N GLY E 66 -14.78 6.59 23.48
CA GLY E 66 -15.72 5.61 24.02
C GLY E 66 -15.90 4.45 23.07
N LYS E 67 -14.85 4.15 22.33
CA LYS E 67 -14.84 3.04 21.39
C LYS E 67 -16.05 3.06 20.46
N ARG E 68 -16.35 4.24 19.96
CA ARG E 68 -17.43 4.46 19.01
C ARG E 68 -16.88 4.59 17.60
N GLY E 69 -17.59 4.03 16.64
CA GLY E 69 -17.16 4.10 15.25
C GLY E 69 -16.46 2.85 14.78
N THR E 70 -15.58 3.00 13.79
CA THR E 70 -14.89 1.85 13.21
C THR E 70 -13.42 2.15 12.90
N LEU E 71 -12.57 1.14 13.08
CA LEU E 71 -11.14 1.28 12.84
C LEU E 71 -10.69 0.48 11.62
N ARG E 72 -9.96 1.14 10.72
CA ARG E 72 -9.43 0.49 9.53
C ARG E 72 -7.91 0.66 9.47
N LYS E 73 -7.19 -0.46 9.57
CA LYS E 73 -5.73 -0.43 9.52
C LYS E 73 -5.19 -0.09 8.13
N ASP E 74 -6.00 -0.38 7.11
CA ASP E 74 -5.57 -0.15 5.73
C ASP E 74 -6.79 -0.08 4.80
N ARG E 75 -6.94 1.05 4.13
CA ARG E 75 -8.00 1.21 3.15
C ARG E 75 -7.68 0.34 1.94
N GLY E 76 -6.38 0.15 1.68
CA GLY E 76 -5.92 -0.65 0.56
C GLY E 76 -4.84 0.06 -0.23
N ASP E 77 -4.45 1.25 0.23
CA ASP E 77 -3.38 2.03 -0.38
C ASP E 77 -2.32 2.47 0.64
N GLY E 78 -2.21 1.72 1.73
CA GLY E 78 -1.22 2.00 2.75
C GLY E 78 -1.60 3.13 3.68
N ILE E 79 -2.88 3.49 3.69
CA ILE E 79 -3.39 4.55 4.55
C ILE E 79 -4.43 3.95 5.51
N ALA E 80 -4.52 4.48 6.72
CA ALA E 80 -5.50 4.00 7.70
C ALA E 80 -6.50 5.09 8.07
N ASP E 81 -7.71 4.71 8.47
CA ASP E 81 -8.71 5.70 8.86
C ASP E 81 -9.62 5.29 10.04
N TYR E 82 -10.15 6.29 10.72
CA TYR E 82 -11.07 6.05 11.84
C TYR E 82 -12.35 6.89 11.69
N THR E 83 -13.45 6.23 11.35
CA THR E 83 -14.69 6.91 10.99
C THR E 83 -15.81 6.68 12.01
N ILE E 84 -16.64 7.68 12.23
CA ILE E 84 -17.76 7.58 13.16
C ILE E 84 -19.13 7.81 12.50
N TRP E 85 -19.78 6.71 12.12
CA TRP E 85 -21.07 6.78 11.43
C TRP E 85 -22.24 6.88 12.40
N GLY E 86 -23.20 7.73 12.10
CA GLY E 86 -24.43 7.79 12.88
C GLY E 86 -24.69 9.09 13.63
N SER E 87 -25.96 9.31 13.96
CA SER E 87 -26.37 10.49 14.73
C SER E 87 -26.32 10.20 16.22
N THR E 88 -26.34 8.92 16.57
CA THR E 88 -26.31 8.52 17.97
C THR E 88 -24.93 8.78 18.59
N HIS E 89 -23.87 8.59 17.81
CA HIS E 89 -22.53 8.86 18.27
C HIS E 89 -22.21 10.36 18.22
N LEU E 90 -22.61 11.00 17.13
CA LEU E 90 -22.32 12.42 16.91
C LEU E 90 -23.14 13.36 17.81
N SER E 91 -24.18 12.83 18.46
CA SER E 91 -24.98 13.62 19.40
C SER E 91 -24.22 13.85 20.69
N ILE E 92 -23.33 12.91 21.02
CA ILE E 92 -22.49 13.00 22.21
C ILE E 92 -21.12 13.58 21.88
N ILE E 93 -20.46 13.02 20.87
CA ILE E 93 -19.09 13.38 20.53
C ILE E 93 -18.93 14.82 20.05
N LEU E 94 -19.74 15.23 19.08
CA LEU E 94 -19.62 16.57 18.49
C LEU E 94 -19.68 17.72 19.51
N PRO E 95 -20.67 17.70 20.41
CA PRO E 95 -20.84 18.83 21.35
C PRO E 95 -19.63 19.03 22.26
N ASP E 96 -18.73 18.06 22.30
CA ASP E 96 -17.53 18.15 23.10
C ASP E 96 -16.43 18.85 22.31
N LEU E 97 -16.46 18.71 21.00
CA LEU E 97 -15.39 19.20 20.13
C LEU E 97 -15.69 20.57 19.53
N VAL E 98 -16.98 20.87 19.37
CA VAL E 98 -17.41 22.11 18.73
C VAL E 98 -16.84 23.38 19.38
N PRO E 99 -16.83 23.46 20.73
CA PRO E 99 -16.26 24.64 21.39
C PRO E 99 -14.76 24.83 21.15
N TYR E 100 -14.11 23.83 20.57
CA TYR E 100 -12.67 23.87 20.36
C TYR E 100 -12.28 23.89 18.88
N LEU E 101 -13.15 23.37 18.02
CA LEU E 101 -12.91 23.37 16.58
C LEU E 101 -12.86 24.80 16.05
N ARG E 102 -12.05 25.02 15.00
CA ARG E 102 -11.89 26.35 14.42
C ARG E 102 -12.12 26.37 12.90
N ILE E 103 -11.46 25.47 12.19
CA ILE E 103 -11.57 25.42 10.73
C ILE E 103 -12.86 24.74 10.28
N LYS E 104 -13.10 23.54 10.81
CA LYS E 104 -14.28 22.75 10.45
C LYS E 104 -15.36 22.90 11.50
N LYS E 105 -15.41 24.09 12.10
CA LYS E 105 -16.44 24.42 13.11
C LYS E 105 -17.82 24.44 12.48
N LYS E 106 -17.92 25.06 11.30
CA LYS E 106 -19.20 25.21 10.60
C LYS E 106 -19.78 23.87 10.16
N GLN E 107 -18.91 22.97 9.72
CA GLN E 107 -19.32 21.64 9.30
C GLN E 107 -19.89 20.85 10.49
N ALA E 108 -19.24 20.96 11.64
CA ALA E 108 -19.73 20.29 12.84
C ALA E 108 -21.06 20.86 13.28
N ASN E 109 -21.15 22.18 13.31
CA ASN E 109 -22.38 22.87 13.73
C ASN E 109 -23.59 22.61 12.81
N ARG E 110 -23.39 22.69 11.50
CA ARG E 110 -24.45 22.43 10.54
C ARG E 110 -25.01 21.02 10.70
N ILE E 111 -24.13 20.04 10.76
CA ILE E 111 -24.50 18.64 10.93
C ILE E 111 -25.19 18.38 12.27
N LEU E 112 -24.87 19.20 13.26
CA LEU E 112 -25.46 19.07 14.58
C LEU E 112 -26.97 19.30 14.51
N HIS E 113 -27.38 20.32 13.78
CA HIS E 113 -28.79 20.67 13.68
C HIS E 113 -29.48 19.90 12.55
N ILE E 114 -28.70 19.22 11.73
CA ILE E 114 -29.27 18.28 10.76
C ILE E 114 -29.81 17.05 11.49
N ILE E 115 -29.07 16.61 12.50
CA ILE E 115 -29.50 15.51 13.37
C ILE E 115 -30.83 15.86 14.00
N ASN E 116 -31.06 17.16 14.22
CA ASN E 116 -32.28 17.63 14.90
C ASN E 116 -33.56 17.64 14.05
N LEU E 117 -33.43 17.99 12.76
CA LEU E 117 -34.60 18.07 11.88
C LEU E 117 -34.78 16.81 11.03
N TYR E 118 -33.85 15.87 11.16
CA TYR E 118 -33.96 14.63 10.41
C TYR E 118 -35.18 13.82 10.85
N PRO E 119 -35.41 13.72 12.16
CA PRO E 119 -36.53 12.93 12.65
C PRO E 119 -37.85 13.24 11.91
N GLN E 120 -38.11 14.52 11.66
CA GLN E 120 -39.38 14.96 11.10
C GLN E 120 -39.37 15.12 9.59
N ALA E 121 -38.21 15.41 9.02
CA ALA E 121 -38.13 15.59 7.58
C ALA E 121 -37.96 14.26 6.87
N GLN E 122 -37.87 13.19 7.65
CA GLN E 122 -37.64 11.88 7.09
C GLN E 122 -38.73 11.46 6.14
N LYS E 123 -39.96 11.42 6.65
CA LYS E 123 -41.10 10.99 5.85
C LYS E 123 -41.97 12.15 5.35
N ASN E 124 -41.31 13.25 4.98
CA ASN E 124 -42.00 14.40 4.40
C ASN E 124 -41.18 15.02 3.28
N PRO E 125 -41.50 14.66 2.03
CA PRO E 125 -40.64 15.02 0.89
C PRO E 125 -40.21 16.50 0.83
N SER E 126 -41.14 17.39 1.19
CA SER E 126 -40.91 18.82 1.24
C SER E 126 -39.89 19.18 2.33
N LYS E 127 -40.01 18.54 3.49
CA LYS E 127 -39.09 18.82 4.58
C LYS E 127 -37.70 18.19 4.35
N PHE E 128 -37.70 16.99 3.78
CA PHE E 128 -36.47 16.31 3.38
C PHE E 128 -35.62 17.20 2.47
N LEU E 129 -36.26 17.89 1.53
CA LEU E 129 -35.55 18.75 0.58
C LEU E 129 -34.81 19.90 1.28
N ASP E 130 -35.44 20.43 2.33
CA ASP E 130 -34.85 21.51 3.13
C ASP E 130 -33.64 20.97 3.87
N LEU E 131 -33.66 19.67 4.14
CA LEU E 131 -32.55 19.02 4.83
C LEU E 131 -31.41 18.79 3.87
N VAL E 132 -31.75 18.46 2.61
CA VAL E 132 -30.74 18.24 1.57
C VAL E 132 -30.03 19.53 1.17
N LYS E 133 -30.69 20.67 1.39
CA LYS E 133 -30.04 21.95 1.15
C LYS E 133 -28.84 22.11 2.07
N ILE E 134 -29.02 21.80 3.35
CA ILE E 134 -27.94 21.91 4.34
C ILE E 134 -26.84 20.90 4.06
N VAL E 135 -27.24 19.71 3.62
CA VAL E 135 -26.28 18.69 3.18
C VAL E 135 -25.36 19.24 2.08
N ASP E 136 -25.92 20.07 1.21
CA ASP E 136 -25.13 20.75 0.19
C ASP E 136 -24.19 21.76 0.84
N ASP E 137 -24.67 22.46 1.86
CA ASP E 137 -23.88 23.45 2.57
C ASP E 137 -22.63 22.84 3.18
N VAL E 138 -22.80 21.69 3.85
CA VAL E 138 -21.69 21.00 4.47
C VAL E 138 -20.67 20.63 3.39
N GLN E 139 -21.16 20.06 2.29
CA GLN E 139 -20.30 19.62 1.18
C GLN E 139 -19.60 20.78 0.46
N ASN E 140 -20.27 21.93 0.36
CA ASN E 140 -19.68 23.10 -0.26
C ASN E 140 -18.57 23.70 0.61
N LEU E 141 -18.81 23.70 1.92
CA LEU E 141 -17.83 24.20 2.87
C LEU E 141 -16.52 23.43 2.76
N ASN E 142 -16.61 22.18 2.29
CA ASN E 142 -15.43 21.32 2.13
C ASN E 142 -14.86 21.38 0.72
N LYS E 143 -15.26 22.41 -0.03
CA LYS E 143 -14.76 22.62 -1.38
C LYS E 143 -14.12 23.99 -1.49
N ARG E 144 -13.36 24.21 -2.54
CA ARG E 144 -12.83 25.53 -2.85
C ARG E 144 -13.95 26.40 -3.43
N ALA E 145 -13.72 27.71 -3.50
CA ALA E 145 -14.73 28.63 -4.02
C ALA E 145 -14.88 28.49 -5.54
N ASP E 146 -13.83 28.02 -6.20
CA ASP E 146 -13.82 27.90 -7.66
C ASP E 146 -14.43 26.58 -8.15
N GLU E 147 -14.52 25.59 -7.26
CA GLU E 147 -15.02 24.27 -7.60
C GLU E 147 -16.54 24.26 -7.78
N LEU E 148 -17.05 23.24 -8.48
CA LEU E 148 -18.49 23.11 -8.70
C LEU E 148 -19.23 22.83 -7.40
N LYS E 149 -20.28 23.62 -7.13
CA LYS E 149 -21.08 23.45 -5.94
C LYS E 149 -21.92 22.20 -6.08
N SER E 150 -22.18 21.53 -4.96
CA SER E 150 -22.95 20.29 -5.00
C SER E 150 -24.38 20.55 -5.48
N THR E 151 -24.94 19.57 -6.17
CA THR E 151 -26.33 19.66 -6.65
C THR E 151 -27.14 18.47 -6.15
N ASN E 152 -27.14 18.26 -4.85
CA ASN E 152 -27.95 17.19 -4.27
C ASN E 152 -29.41 17.58 -4.16
N TYR E 153 -29.66 18.89 -4.01
CA TYR E 153 -31.02 19.41 -3.90
C TYR E 153 -31.72 19.49 -5.25
N ASP E 154 -31.03 20.02 -6.25
CA ASP E 154 -31.59 20.16 -7.58
C ASP E 154 -31.96 18.81 -8.19
N ARG E 155 -31.05 17.84 -8.04
CA ARG E 155 -31.28 16.51 -8.59
C ARG E 155 -32.37 15.77 -7.83
N LEU E 156 -32.47 16.03 -6.53
CA LEU E 156 -33.47 15.38 -5.70
C LEU E 156 -34.83 16.00 -5.92
N LEU E 157 -34.86 17.28 -6.29
CA LEU E 157 -36.12 17.99 -6.49
C LEU E 157 -36.83 17.59 -7.77
N GLU E 158 -36.06 17.44 -8.84
CA GLU E 158 -36.59 16.99 -10.12
C GLU E 158 -37.03 15.54 -10.04
N GLU E 159 -36.36 14.77 -9.19
CA GLU E 159 -36.76 13.38 -8.96
C GLU E 159 -38.09 13.33 -8.22
N PHE E 160 -38.26 14.22 -7.25
CA PHE E 160 -39.47 14.27 -6.44
C PHE E 160 -40.69 14.69 -7.25
N LEU E 161 -40.50 15.63 -8.17
CA LEU E 161 -41.57 16.12 -9.04
C LEU E 161 -41.97 15.07 -10.07
N LYS E 162 -40.97 14.30 -10.52
CA LYS E 162 -41.14 13.34 -11.60
C LYS E 162 -41.81 12.06 -11.11
N ALA E 163 -41.71 11.81 -9.81
CA ALA E 163 -42.39 10.69 -9.18
C ALA E 163 -43.67 11.18 -8.52
N GLY E 164 -43.96 12.47 -8.72
CA GLY E 164 -45.13 13.10 -8.12
C GLY E 164 -45.14 12.91 -6.62
N LYS E 165 -44.01 13.21 -5.98
CA LYS E 165 -43.94 13.11 -4.53
C LYS E 165 -44.34 14.44 -3.90
N ILE E 166 -44.01 15.54 -4.59
CA ILE E 166 -44.37 16.88 -4.12
C ILE E 166 -44.95 17.69 -5.27
N THR F 6 -1.06 34.28 29.54
CA THR F 6 -0.28 33.27 28.81
C THR F 6 -1.20 32.33 28.04
N LEU F 7 -0.60 31.39 27.31
CA LEU F 7 -1.36 30.42 26.54
C LEU F 7 -2.09 29.45 27.47
N GLN F 8 -3.41 29.39 27.33
CA GLN F 8 -4.23 28.50 28.16
C GLN F 8 -4.05 27.05 27.75
N PRO F 9 -4.25 26.11 28.69
CA PRO F 9 -4.13 24.67 28.47
C PRO F 9 -4.97 24.14 27.30
N THR F 10 -6.14 24.73 27.04
CA THR F 10 -6.97 24.32 25.91
C THR F 10 -6.38 24.82 24.59
N GLU F 11 -5.79 26.02 24.62
CA GLU F 11 -5.16 26.58 23.43
C GLU F 11 -3.89 25.82 23.03
N ALA F 12 -3.19 25.28 24.02
CA ALA F 12 -1.95 24.57 23.78
C ALA F 12 -2.19 23.12 23.34
N ALA F 13 -3.30 22.54 23.78
CA ALA F 13 -3.68 21.19 23.38
C ALA F 13 -4.17 21.18 21.94
N TYR F 14 -5.01 22.15 21.59
CA TYR F 14 -5.48 22.31 20.23
C TYR F 14 -4.29 22.48 19.28
N ILE F 15 -3.51 23.53 19.51
CA ILE F 15 -2.33 23.83 18.69
C ILE F 15 -1.45 22.58 18.54
N ALA F 16 -1.44 21.74 19.57
CA ALA F 16 -0.72 20.47 19.51
C ALA F 16 -1.40 19.53 18.53
N GLY F 17 -2.73 19.45 18.63
CA GLY F 17 -3.52 18.58 17.78
C GLY F 17 -3.43 18.94 16.31
N PHE F 18 -3.29 20.22 16.04
CA PHE F 18 -3.21 20.73 14.68
C PHE F 18 -1.79 20.58 14.15
N LEU F 19 -0.82 20.63 15.05
CA LEU F 19 0.58 20.47 14.67
C LEU F 19 0.82 19.04 14.18
N ASP F 20 0.34 18.06 14.95
CA ASP F 20 0.57 16.66 14.61
C ASP F 20 -0.11 16.28 13.30
N GLY F 21 -1.01 17.12 12.82
CA GLY F 21 -1.80 16.80 11.64
C GLY F 21 -1.40 17.56 10.40
N ASP F 22 -1.38 18.89 10.50
CA ASP F 22 -1.02 19.74 9.36
C ASP F 22 0.24 20.52 9.67
N GLY F 23 0.97 20.09 10.68
CA GLY F 23 2.18 20.77 11.09
C GLY F 23 3.41 19.93 10.83
N SER F 24 4.55 20.37 11.35
CA SER F 24 5.81 19.68 11.10
C SER F 24 6.92 20.19 12.01
N ILE F 25 7.76 19.27 12.46
CA ILE F 25 8.87 19.57 13.34
C ILE F 25 10.12 18.96 12.72
N TYR F 26 11.11 19.78 12.42
CA TYR F 26 12.24 19.32 11.62
C TYR F 26 13.52 20.07 11.92
N ALA F 27 14.64 19.40 11.71
CA ALA F 27 15.95 20.02 11.90
C ALA F 27 16.82 19.89 10.65
N ARG F 28 17.64 20.90 10.40
CA ARG F 28 18.50 20.88 9.22
C ARG F 28 19.94 21.36 9.49
N LEU F 29 20.89 20.74 8.79
CA LEU F 29 22.29 21.15 8.86
C LEU F 29 22.63 21.93 7.61
N ILE F 30 22.72 23.26 7.75
CA ILE F 30 23.03 24.10 6.61
C ILE F 30 24.50 24.50 6.53
N PRO F 31 25.15 24.17 5.40
CA PRO F 31 26.58 24.44 5.19
C PRO F 31 26.88 25.92 4.91
N ARG F 32 27.37 26.64 5.92
CA ARG F 32 27.77 28.04 5.74
C ARG F 32 29.29 28.15 5.61
N PRO F 33 29.80 28.43 4.41
CA PRO F 33 31.23 28.56 4.09
C PRO F 33 31.84 29.89 4.59
N ASP F 34 31.02 30.66 5.29
CA ASP F 34 31.48 31.96 5.79
C ASP F 34 31.77 31.91 7.30
N TYR F 35 31.63 30.72 7.89
CA TYR F 35 31.92 30.47 9.30
C TYR F 35 33.42 30.22 9.50
N LYS F 36 33.95 30.42 10.72
CA LYS F 36 35.41 30.28 10.93
C LYS F 36 35.91 28.85 10.64
N ASP F 37 35.80 27.96 11.62
CA ASP F 37 36.28 26.59 11.46
C ASP F 37 35.10 25.68 11.09
N ILE F 38 34.28 25.38 12.09
CA ILE F 38 33.01 24.67 11.87
C ILE F 38 32.19 25.46 10.85
N LYS F 39 32.28 25.05 9.60
CA LYS F 39 31.61 25.73 8.48
C LYS F 39 30.19 25.23 8.30
N TYR F 40 29.48 25.08 9.41
CA TYR F 40 28.10 24.61 9.39
C TYR F 40 27.24 25.28 10.45
N GLN F 41 25.97 25.46 10.11
CA GLN F 41 24.99 25.96 11.07
C GLN F 41 23.80 25.01 11.21
N VAL F 42 23.36 24.80 12.44
CA VAL F 42 22.21 23.96 12.69
C VAL F 42 20.94 24.81 12.72
N GLU F 43 19.95 24.41 11.94
CA GLU F 43 18.69 25.14 11.88
C GLU F 43 17.57 24.34 12.51
N LEU F 44 16.82 24.99 13.39
CA LEU F 44 15.71 24.36 14.07
C LEU F 44 14.45 25.16 13.76
N ALA F 45 13.37 24.47 13.42
CA ALA F 45 12.14 25.14 13.03
C ALA F 45 10.91 24.28 13.30
N ILE F 46 9.77 24.94 13.47
CA ILE F 46 8.47 24.28 13.44
C ILE F 46 7.48 25.13 12.61
N SER F 47 6.80 24.50 11.65
CA SER F 47 5.90 25.22 10.78
C SER F 47 4.51 24.61 10.76
N PHE F 48 3.50 25.46 10.55
CA PHE F 48 2.12 25.03 10.28
C PHE F 48 1.82 25.28 8.80
N ILE F 49 1.00 24.41 8.20
CA ILE F 49 0.75 24.50 6.76
C ILE F 49 -0.74 24.33 6.43
N GLN F 50 -1.22 25.15 5.49
CA GLN F 50 -2.64 25.18 5.13
C GLN F 50 -2.90 25.96 3.84
N ARG F 51 -3.89 25.51 3.07
CA ARG F 51 -4.24 26.13 1.78
C ARG F 51 -4.53 27.63 1.95
N LYS F 52 -4.13 28.41 0.96
CA LYS F 52 -4.06 29.88 1.11
C LYS F 52 -5.38 30.54 1.52
N ASP F 53 -6.50 29.87 1.28
CA ASP F 53 -7.81 30.40 1.65
C ASP F 53 -8.06 30.33 3.16
N LYS F 54 -7.41 29.40 3.85
CA LYS F 54 -7.58 29.24 5.29
C LYS F 54 -6.53 29.99 6.09
N PHE F 55 -5.96 31.05 5.50
CA PHE F 55 -4.84 31.77 6.09
C PHE F 55 -5.13 32.47 7.42
N PRO F 56 -6.33 33.07 7.56
CA PRO F 56 -6.65 33.72 8.83
C PRO F 56 -6.56 32.80 10.04
N TYR F 57 -6.71 31.50 9.84
CA TYR F 57 -6.58 30.53 10.93
C TYR F 57 -5.14 30.40 11.41
N LEU F 58 -4.20 30.35 10.47
CA LEU F 58 -2.78 30.36 10.80
C LEU F 58 -2.47 31.65 11.57
N GLN F 59 -3.10 32.74 11.15
CA GLN F 59 -2.89 34.04 11.76
C GLN F 59 -3.41 34.05 13.21
N ASP F 60 -4.53 33.36 13.44
CA ASP F 60 -5.10 33.24 14.77
C ASP F 60 -4.21 32.43 15.71
N ILE F 61 -3.23 31.74 15.13
CA ILE F 61 -2.29 30.95 15.90
C ILE F 61 -0.99 31.71 16.17
N TYR F 62 -0.63 32.56 15.21
CA TYR F 62 0.54 33.43 15.33
C TYR F 62 0.37 34.48 16.42
N ASP F 63 -0.87 34.88 16.68
CA ASP F 63 -1.15 35.92 17.67
C ASP F 63 -1.05 35.39 19.09
N GLN F 64 -1.63 34.21 19.33
CA GLN F 64 -1.66 33.64 20.66
C GLN F 64 -0.38 32.89 21.02
N LEU F 65 0.52 32.76 20.07
CA LEU F 65 1.86 32.24 20.35
C LEU F 65 2.80 33.39 20.67
N GLY F 66 2.26 34.61 20.67
CA GLY F 66 3.04 35.79 21.00
C GLY F 66 3.68 36.45 19.79
N LYS F 67 3.04 36.28 18.64
CA LYS F 67 3.50 36.88 17.39
C LYS F 67 4.95 36.52 17.06
N ARG F 68 5.33 35.27 17.34
CA ARG F 68 6.68 34.79 17.07
C ARG F 68 6.76 34.04 15.75
N GLY F 69 7.70 34.45 14.91
CA GLY F 69 7.91 33.80 13.62
C GLY F 69 7.47 34.65 12.46
N THR F 70 7.32 34.03 11.30
CA THR F 70 6.94 34.74 10.09
C THR F 70 5.72 34.11 9.41
N LEU F 71 4.74 34.95 9.08
CA LEU F 71 3.58 34.49 8.36
C LEU F 71 3.83 34.60 6.87
N ARG F 72 3.26 33.68 6.10
CA ARG F 72 3.40 33.71 4.65
C ARG F 72 2.20 33.06 3.97
N LYS F 73 1.54 33.82 3.11
CA LYS F 73 0.37 33.34 2.39
C LYS F 73 0.74 33.08 0.94
N ASP F 74 0.44 31.88 0.47
CA ASP F 74 0.79 31.52 -0.90
C ASP F 74 2.29 31.66 -1.11
N ARG F 75 3.02 30.60 -0.74
CA ARG F 75 4.47 30.54 -0.95
C ARG F 75 4.80 30.55 -2.43
N GLY F 76 3.79 30.20 -3.24
CA GLY F 76 3.94 30.16 -4.68
C GLY F 76 3.13 29.06 -5.34
N ASP F 77 2.38 28.32 -4.54
CA ASP F 77 1.57 27.22 -5.06
C ASP F 77 0.17 27.19 -4.47
N GLY F 78 -0.30 28.33 -3.97
CA GLY F 78 -1.62 28.46 -3.39
C GLY F 78 -1.60 28.04 -1.94
N ILE F 79 -0.42 27.68 -1.45
CA ILE F 79 -0.26 27.16 -0.09
C ILE F 79 0.36 28.20 0.84
N ALA F 80 -0.26 28.38 2.00
CA ALA F 80 0.24 29.29 3.02
C ALA F 80 1.00 28.52 4.11
N ASP F 81 1.90 29.20 4.81
CA ASP F 81 2.63 28.58 5.92
C ASP F 81 3.02 29.60 7.00
N TYR F 82 3.32 29.09 8.19
CA TYR F 82 3.71 29.92 9.32
C TYR F 82 4.90 29.30 10.05
N THR F 83 6.10 29.80 9.74
CA THR F 83 7.34 29.17 10.20
C THR F 83 7.96 29.92 11.39
N ILE F 84 8.54 29.17 12.31
CA ILE F 84 9.22 29.74 13.49
C ILE F 84 10.63 29.17 13.64
N TRP F 85 11.64 29.99 13.36
CA TRP F 85 13.02 29.53 13.50
C TRP F 85 13.60 29.96 14.84
N GLY F 86 14.76 29.39 15.19
CA GLY F 86 15.49 29.81 16.37
C GLY F 86 15.13 29.12 17.66
N SER F 87 16.12 28.99 18.54
CA SER F 87 15.92 28.40 19.86
C SER F 87 15.35 29.42 20.83
N THR F 88 15.66 30.69 20.58
CA THR F 88 15.09 31.78 21.36
C THR F 88 13.59 31.54 21.54
N HIS F 89 12.88 31.45 20.42
CA HIS F 89 11.43 31.25 20.40
C HIS F 89 11.04 29.83 20.79
N LEU F 90 11.70 28.85 20.17
CA LEU F 90 11.37 27.44 20.36
C LEU F 90 11.50 26.97 21.81
N SER F 91 12.32 27.67 22.59
CA SER F 91 12.53 27.31 23.99
C SER F 91 11.38 27.84 24.85
N ILE F 92 10.59 28.75 24.27
CA ILE F 92 9.44 29.32 24.96
C ILE F 92 8.12 28.70 24.47
N ILE F 93 8.11 28.26 23.21
CA ILE F 93 6.90 27.72 22.59
C ILE F 93 6.73 26.20 22.82
N LEU F 94 7.80 25.44 22.54
CA LEU F 94 7.74 23.99 22.61
C LEU F 94 7.39 23.42 23.99
N PRO F 95 8.06 23.92 25.05
CA PRO F 95 7.77 23.38 26.39
C PRO F 95 6.29 23.40 26.70
N ASP F 96 5.56 24.37 26.16
CA ASP F 96 4.13 24.48 26.35
C ASP F 96 3.35 23.45 25.53
N LEU F 97 3.95 23.00 24.42
CA LEU F 97 3.27 22.12 23.47
C LEU F 97 3.57 20.64 23.71
N VAL F 98 4.75 20.37 24.24
CA VAL F 98 5.21 19.00 24.45
C VAL F 98 4.25 18.13 25.28
N PRO F 99 3.66 18.68 26.35
CA PRO F 99 2.76 17.86 27.18
C PRO F 99 1.56 17.29 26.43
N TYR F 100 1.15 17.92 25.33
CA TYR F 100 -0.04 17.49 24.58
C TYR F 100 0.30 16.80 23.27
N LEU F 101 1.49 17.10 22.74
CA LEU F 101 1.94 16.49 21.49
C LEU F 101 1.96 14.97 21.58
N ARG F 102 1.56 14.30 20.49
CA ARG F 102 1.57 12.84 20.44
C ARG F 102 2.45 12.30 19.32
N ILE F 103 2.02 12.47 18.07
CA ILE F 103 2.74 11.91 16.93
C ILE F 103 4.14 12.50 16.71
N LYS F 104 4.31 13.76 17.09
CA LYS F 104 5.58 14.45 16.91
C LYS F 104 6.14 14.93 18.25
N LYS F 105 5.80 14.21 19.32
CA LYS F 105 6.34 14.51 20.64
C LYS F 105 7.84 14.21 20.68
N LYS F 106 8.24 13.12 20.02
CA LYS F 106 9.63 12.69 20.00
C LYS F 106 10.54 13.72 19.32
N GLN F 107 10.15 14.17 18.14
CA GLN F 107 10.90 15.18 17.41
C GLN F 107 11.11 16.41 18.27
N ALA F 108 10.03 16.85 18.90
CA ALA F 108 10.05 18.03 19.76
C ALA F 108 11.02 17.90 20.93
N ASN F 109 11.13 16.69 21.48
CA ASN F 109 12.11 16.42 22.55
C ASN F 109 13.56 16.50 22.07
N ARG F 110 13.83 15.97 20.87
CA ARG F 110 15.17 16.05 20.28
C ARG F 110 15.56 17.50 20.04
N ILE F 111 14.60 18.32 19.64
CA ILE F 111 14.84 19.74 19.40
C ILE F 111 15.25 20.43 20.70
N LEU F 112 14.52 20.15 21.77
CA LEU F 112 14.86 20.69 23.08
C LEU F 112 16.24 20.24 23.56
N HIS F 113 16.68 19.08 23.08
CA HIS F 113 17.98 18.53 23.45
C HIS F 113 19.10 19.29 22.74
N ILE F 114 18.94 19.48 21.43
CA ILE F 114 19.90 20.25 20.63
C ILE F 114 20.06 21.70 21.12
N ILE F 115 18.97 22.30 21.59
CA ILE F 115 19.03 23.65 22.11
C ILE F 115 19.92 23.73 23.36
N ASN F 116 19.93 22.65 24.14
CA ASN F 116 20.71 22.63 25.37
C ASN F 116 22.20 22.32 25.15
N LEU F 117 22.49 21.60 24.08
CA LEU F 117 23.87 21.19 23.77
C LEU F 117 24.51 22.08 22.71
N TYR F 118 23.76 23.07 22.22
CA TYR F 118 24.31 23.95 21.19
C TYR F 118 25.36 24.93 21.70
N PRO F 119 25.12 25.55 22.86
CA PRO F 119 26.08 26.56 23.35
C PRO F 119 27.52 26.04 23.46
N GLN F 120 27.67 24.76 23.78
CA GLN F 120 28.98 24.17 24.02
C GLN F 120 29.52 23.41 22.80
N ALA F 121 28.84 23.55 21.67
CA ALA F 121 29.22 22.83 20.47
C ALA F 121 29.52 23.77 19.31
N GLN F 122 29.18 25.05 19.48
CA GLN F 122 29.39 26.05 18.46
C GLN F 122 30.83 26.03 17.96
N LYS F 123 31.77 26.05 18.89
CA LYS F 123 33.20 25.98 18.56
C LYS F 123 33.86 24.76 19.19
N ASN F 124 33.33 23.58 18.89
CA ASN F 124 33.90 22.33 19.40
C ASN F 124 33.45 21.17 18.51
N PRO F 125 34.37 20.68 17.66
CA PRO F 125 34.09 19.67 16.64
C PRO F 125 33.52 18.36 17.18
N SER F 126 34.08 17.86 18.27
CA SER F 126 33.63 16.59 18.83
C SER F 126 32.20 16.69 19.33
N LYS F 127 31.92 17.75 20.08
CA LYS F 127 30.60 17.98 20.65
C LYS F 127 29.55 18.35 19.60
N PHE F 128 30.01 18.86 18.45
CA PHE F 128 29.14 19.29 17.37
C PHE F 128 28.68 18.08 16.58
N LEU F 129 29.54 17.07 16.51
CA LEU F 129 29.22 15.82 15.83
C LEU F 129 28.09 15.09 16.55
N ASP F 130 28.19 15.03 17.88
CA ASP F 130 27.14 14.44 18.71
C ASP F 130 25.83 15.20 18.54
N LEU F 131 25.95 16.51 18.32
CA LEU F 131 24.78 17.35 18.09
C LEU F 131 24.14 16.99 16.75
N VAL F 132 24.98 16.83 15.73
CA VAL F 132 24.52 16.46 14.39
C VAL F 132 23.81 15.10 14.33
N LYS F 133 24.29 14.14 15.13
CA LYS F 133 23.68 12.82 15.25
C LYS F 133 22.21 12.93 15.61
N ILE F 134 21.88 13.95 16.41
CA ILE F 134 20.51 14.17 16.84
C ILE F 134 19.67 14.78 15.71
N VAL F 135 20.31 15.59 14.86
CA VAL F 135 19.64 16.16 13.71
C VAL F 135 19.32 15.07 12.68
N ASP F 136 20.14 14.04 12.65
CA ASP F 136 19.86 12.86 11.83
C ASP F 136 18.64 12.12 12.39
N ASP F 137 18.62 11.95 13.70
CA ASP F 137 17.52 11.28 14.39
C ASP F 137 16.20 12.02 14.13
N VAL F 138 16.26 13.35 14.05
CA VAL F 138 15.08 14.18 13.82
C VAL F 138 14.54 14.01 12.40
N GLN F 139 15.43 13.91 11.43
CA GLN F 139 15.04 13.72 10.04
C GLN F 139 14.51 12.30 9.83
N ASN F 140 15.12 11.33 10.51
CA ASN F 140 14.71 9.94 10.41
C ASN F 140 13.29 9.72 10.92
N LEU F 141 12.95 10.36 12.03
CA LEU F 141 11.61 10.26 12.57
C LEU F 141 10.56 10.79 11.58
N ASN F 142 11.02 11.63 10.64
CA ASN F 142 10.15 12.20 9.61
C ASN F 142 10.22 11.40 8.30
N LYS F 143 10.64 10.14 8.42
CA LYS F 143 10.72 9.24 7.29
C LYS F 143 9.90 7.97 7.56
N ARG F 144 9.82 7.10 6.55
CA ARG F 144 9.17 5.79 6.68
C ARG F 144 10.28 4.79 7.08
N ALA F 145 10.00 3.50 7.26
CA ALA F 145 11.08 2.51 7.58
C ALA F 145 11.80 2.03 6.30
N ASP F 146 11.14 2.13 5.15
CA ASP F 146 11.75 1.71 3.88
C ASP F 146 12.78 2.67 3.27
N GLU F 147 12.70 3.93 3.66
CA GLU F 147 13.51 5.02 3.11
C GLU F 147 14.93 4.99 3.66
N LEU F 148 15.90 5.38 2.83
CA LEU F 148 17.30 5.50 3.26
C LEU F 148 17.42 6.56 4.36
N LYS F 149 18.03 6.18 5.47
CA LYS F 149 18.21 7.09 6.60
C LYS F 149 19.14 8.26 6.26
N SER F 150 19.06 9.31 7.07
CA SER F 150 19.92 10.47 6.87
C SER F 150 21.35 10.12 7.29
N THR F 151 22.32 10.78 6.68
CA THR F 151 23.72 10.45 6.91
C THR F 151 24.60 11.68 7.13
N ASN F 152 24.10 12.65 7.89
CA ASN F 152 24.87 13.85 8.21
C ASN F 152 26.11 13.55 9.07
N TYR F 153 25.90 12.81 10.15
CA TYR F 153 26.98 12.48 11.09
C TYR F 153 28.13 11.71 10.44
N ASP F 154 27.80 10.78 9.56
CA ASP F 154 28.82 9.95 8.91
C ASP F 154 29.60 10.74 7.88
N ARG F 155 28.95 11.70 7.23
CA ARG F 155 29.61 12.54 6.25
C ARG F 155 30.47 13.62 6.91
N LEU F 156 30.06 14.05 8.10
CA LEU F 156 30.80 15.07 8.84
C LEU F 156 31.97 14.49 9.63
N LEU F 157 31.84 13.23 10.05
CA LEU F 157 32.89 12.55 10.79
C LEU F 157 34.12 12.37 9.91
N GLU F 158 33.89 12.15 8.62
CA GLU F 158 34.96 11.96 7.65
C GLU F 158 35.60 13.28 7.23
N GLU F 159 34.79 14.33 7.13
CA GLU F 159 35.29 15.64 6.78
C GLU F 159 36.13 16.17 7.94
N PHE F 160 35.56 16.16 9.14
CA PHE F 160 36.30 16.60 10.33
C PHE F 160 37.66 15.93 10.45
N LEU F 161 37.72 14.61 10.21
CA LEU F 161 38.99 13.91 10.21
C LEU F 161 39.85 14.34 9.03
N LYS F 162 39.23 14.55 7.88
CA LYS F 162 39.94 14.82 6.64
C LYS F 162 40.63 16.18 6.74
N ALA F 163 39.98 17.06 7.49
CA ALA F 163 40.44 18.41 7.72
C ALA F 163 41.29 18.49 8.99
N GLY F 164 41.33 17.39 9.73
CA GLY F 164 42.14 17.30 10.93
C GLY F 164 41.52 17.98 12.13
N LYS F 165 40.23 18.27 12.03
CA LYS F 165 39.54 18.96 13.09
C LYS F 165 39.45 18.03 14.29
N ILE F 166 39.48 16.73 14.01
CA ILE F 166 39.38 15.74 15.06
C ILE F 166 39.95 14.40 14.59
#